data_3ZLK
#
_entry.id   3ZLK
#
_cell.length_a   64.300
_cell.length_b   155.000
_cell.length_c   134.450
_cell.angle_alpha   90.00
_cell.angle_beta   92.03
_cell.angle_gamma   90.00
#
_symmetry.space_group_name_H-M   'C 1 2 1'
#
loop_
_entity.id
_entity.type
_entity.pdbx_description
1 polymer 'GLUCOSE-1-PHOSPHATE THYMIDYLYLTRANSFERASE'
2 non-polymer N-(6-AMINO-1-BENZYL-2,4-DIOXO-1,2,3,4-TETRAHYDROPYRIMIDIN-5-YL)BENZENESULFONAMIDE
3 non-polymer 'CHLORIDE ION'
4 water water
#
_entity_poly.entity_id   1
_entity_poly.type   'polypeptide(L)'
_entity_poly.pdbx_seq_one_letter_code
;HHHHHHGSMAMKRKGIILAGGSGTRLHPATLAISKQLLPVYDKPMIYYPLSTLMLAGIREILIISTPQDTPRFQQLLGDG
SNWGLDLQYAVQPSPDGLAQAFLIGESFIGNDLSALVLGDNLYYGHDFHELLGSASQRQTGASVFAYHVLDPERYGVVEF
DQGGKAISLEEKPLEPKSNYAVTGLYFYDQQVVDIARDLKPSPRGELEITDVNRAYLERGQLSVEIMGRGYAWLDTGTHD
SLLEAGQFIATLENRQGLKVACPEEIAYRQKWIDAAQLEKLAAPLAKNGYGQYLKRLLTETVY
;
_entity_poly.pdbx_strand_id   A,B,C,D
#
# COMPACT_ATOMS: atom_id res chain seq x y z
N HIS A 2 7.17 35.41 -9.96
CA HIS A 2 5.72 35.79 -10.00
C HIS A 2 4.86 34.58 -10.09
N HIS A 3 3.75 34.61 -9.35
CA HIS A 3 2.70 33.63 -9.48
C HIS A 3 1.55 34.18 -10.29
N HIS A 4 0.75 33.28 -10.84
CA HIS A 4 -0.36 33.66 -11.69
C HIS A 4 -1.64 33.08 -11.15
N HIS A 5 -2.60 33.95 -10.85
CA HIS A 5 -3.83 33.53 -10.18
C HIS A 5 -4.67 32.57 -10.97
N HIS A 6 -5.17 33.01 -12.13
CA HIS A 6 -6.11 32.23 -12.93
C HIS A 6 -7.42 31.99 -12.24
N LYS A 12 -11.17 21.18 -6.48
CA LYS A 12 -10.41 22.22 -5.70
C LYS A 12 -9.83 21.63 -4.40
N ARG A 13 -10.64 21.58 -3.34
CA ARG A 13 -10.18 21.27 -1.98
C ARG A 13 -9.71 19.82 -1.80
N LYS A 14 -8.60 19.66 -1.09
CA LYS A 14 -7.97 18.36 -0.85
C LYS A 14 -8.37 17.78 0.50
N GLY A 15 -8.56 16.47 0.57
CA GLY A 15 -8.91 15.81 1.83
C GLY A 15 -7.78 15.04 2.48
N ILE A 16 -7.79 15.01 3.82
CA ILE A 16 -6.89 14.15 4.57
C ILE A 16 -7.70 13.34 5.60
N ILE A 17 -7.46 12.04 5.67
CA ILE A 17 -8.02 11.18 6.71
C ILE A 17 -6.88 10.74 7.62
N LEU A 18 -6.97 11.09 8.88
CA LEU A 18 -5.99 10.64 9.86
C LEU A 18 -6.48 9.35 10.49
N ALA A 19 -5.78 8.25 10.20
CA ALA A 19 -6.15 6.91 10.61
C ALA A 19 -4.96 6.21 11.22
N GLY A 20 -4.33 6.86 12.21
CA GLY A 20 -3.12 6.34 12.82
C GLY A 20 -3.29 5.47 14.06
N GLY A 21 -4.35 4.65 14.08
CA GLY A 21 -4.60 3.72 15.19
C GLY A 21 -5.11 4.42 16.45
N SER A 22 -4.76 3.91 17.62
CA SER A 22 -5.25 4.47 18.88
C SER A 22 -4.37 4.16 20.10
N GLY A 23 -3.05 4.09 19.90
CA GLY A 23 -2.12 3.66 20.96
C GLY A 23 -2.49 2.30 21.55
N THR A 24 -2.39 2.17 22.88
CA THR A 24 -2.75 0.92 23.57
C THR A 24 -4.13 0.98 24.23
N ARG A 25 -4.87 2.06 23.96
CA ARG A 25 -6.17 2.32 24.59
C ARG A 25 -7.18 1.19 24.45
N LEU A 26 -7.32 0.65 23.25
CA LEU A 26 -8.29 -0.42 23.01
C LEU A 26 -7.64 -1.78 22.89
N HIS A 27 -6.37 -1.90 23.34
CA HIS A 27 -5.73 -3.19 23.46
C HIS A 27 -6.41 -3.94 24.58
N PRO A 28 -6.67 -5.26 24.39
CA PRO A 28 -6.11 -6.12 23.35
C PRO A 28 -6.91 -6.30 22.06
N ALA A 29 -8.13 -5.76 22.00
CA ALA A 29 -8.94 -5.81 20.78
C ALA A 29 -8.16 -5.35 19.55
N THR A 30 -7.35 -4.30 19.69
CA THR A 30 -6.68 -3.68 18.55
C THR A 30 -5.22 -4.06 18.40
N LEU A 31 -4.77 -5.09 19.13
CA LEU A 31 -3.38 -5.55 18.99
C LEU A 31 -3.04 -5.97 17.55
N ALA A 32 -3.99 -6.60 16.87
CA ALA A 32 -3.71 -7.21 15.55
C ALA A 32 -4.00 -6.29 14.36
N ILE A 33 -4.75 -5.22 14.59
CA ILE A 33 -5.21 -4.32 13.53
C ILE A 33 -5.56 -2.93 14.06
N SER A 34 -5.43 -1.95 13.18
CA SER A 34 -5.81 -0.59 13.52
C SER A 34 -7.33 -0.48 13.72
N LYS A 35 -7.68 0.33 14.70
CA LYS A 35 -9.08 0.67 14.96
C LYS A 35 -9.82 1.04 13.69
N GLN A 36 -9.20 1.86 12.83
CA GLN A 36 -9.92 2.41 11.68
C GLN A 36 -10.15 1.35 10.59
N LEU A 37 -9.61 0.16 10.79
CA LEU A 37 -9.93 -0.98 9.94
C LEU A 37 -10.97 -1.91 10.55
N LEU A 38 -11.31 -1.74 11.83
CA LEU A 38 -12.38 -2.54 12.45
C LEU A 38 -13.69 -2.21 11.72
N PRO A 39 -14.53 -3.22 11.46
CA PRO A 39 -15.76 -2.85 10.82
C PRO A 39 -16.74 -2.23 11.80
N VAL A 40 -17.55 -1.31 11.30
CA VAL A 40 -18.75 -0.84 12.00
C VAL A 40 -19.90 -1.48 11.22
N TYR A 41 -20.50 -2.49 11.83
CA TYR A 41 -21.52 -3.35 11.21
C TYR A 41 -20.98 -4.08 9.96
N ASP A 42 -21.22 -3.56 8.77
CA ASP A 42 -21.01 -4.31 7.53
C ASP A 42 -19.83 -3.82 6.68
N LYS A 43 -19.10 -2.82 7.19
CA LYS A 43 -18.02 -2.22 6.41
C LYS A 43 -16.91 -1.66 7.28
N PRO A 44 -15.69 -1.53 6.70
CA PRO A 44 -14.59 -0.96 7.47
C PRO A 44 -14.91 0.45 7.99
N MET A 45 -14.43 0.76 9.19
CA MET A 45 -14.72 2.03 9.84
C MET A 45 -14.33 3.22 8.98
N ILE A 46 -13.21 3.07 8.28
CA ILE A 46 -12.70 4.15 7.46
C ILE A 46 -13.62 4.50 6.26
N TYR A 47 -14.49 3.58 5.85
CA TYR A 47 -15.52 3.89 4.83
C TYR A 47 -16.38 5.09 5.23
N TYR A 48 -16.68 5.23 6.51
CA TYR A 48 -17.57 6.31 6.98
C TYR A 48 -16.94 7.70 6.78
N PRO A 49 -15.74 7.96 7.36
CA PRO A 49 -15.12 9.27 7.10
C PRO A 49 -14.75 9.51 5.63
N LEU A 50 -14.37 8.46 4.93
CA LEU A 50 -14.04 8.60 3.52
C LEU A 50 -15.31 9.02 2.78
N SER A 51 -16.42 8.34 3.08
CA SER A 51 -17.68 8.68 2.45
C SER A 51 -18.09 10.12 2.77
N THR A 52 -17.63 10.62 3.93
CA THR A 52 -17.96 11.99 4.37
C THR A 52 -17.22 13.02 3.50
N LEU A 53 -15.93 12.81 3.28
CA LEU A 53 -15.18 13.65 2.36
C LEU A 53 -15.79 13.62 0.95
N MET A 54 -16.19 12.43 0.50
CA MET A 54 -16.78 12.25 -0.82
C MET A 54 -18.08 13.01 -0.94
N LEU A 55 -18.88 12.98 0.13
CA LEU A 55 -20.12 13.74 0.18
C LEU A 55 -19.83 15.24 0.06
N ALA A 56 -18.71 15.65 0.63
CA ALA A 56 -18.27 17.04 0.57
C ALA A 56 -17.76 17.45 -0.81
N GLY A 57 -17.70 16.51 -1.76
CA GLY A 57 -17.24 16.76 -3.13
C GLY A 57 -15.74 16.56 -3.35
N ILE A 58 -15.06 16.01 -2.34
CA ILE A 58 -13.60 15.92 -2.32
C ILE A 58 -13.15 14.59 -2.94
N ARG A 59 -12.36 14.70 -4.00
CA ARG A 59 -11.94 13.54 -4.78
C ARG A 59 -10.46 13.19 -4.59
N GLU A 60 -9.68 14.14 -4.10
CA GLU A 60 -8.22 13.98 -3.88
C GLU A 60 -7.93 13.91 -2.39
N ILE A 61 -7.53 12.72 -1.95
CA ILE A 61 -7.53 12.36 -0.53
C ILE A 61 -6.27 11.63 -0.09
N LEU A 62 -5.70 12.09 1.02
CA LEU A 62 -4.51 11.48 1.63
C LEU A 62 -4.94 10.69 2.86
N ILE A 63 -4.61 9.41 2.87
CA ILE A 63 -4.81 8.57 4.04
C ILE A 63 -3.49 8.48 4.80
N ILE A 64 -3.51 8.96 6.04
CA ILE A 64 -2.36 8.88 6.93
C ILE A 64 -2.58 7.77 7.95
N SER A 65 -1.66 6.80 7.98
CA SER A 65 -1.78 5.69 8.92
C SER A 65 -0.40 5.32 9.44
N THR A 66 -0.35 4.33 10.32
CA THR A 66 0.92 3.80 10.82
C THR A 66 1.70 3.15 9.69
N PRO A 67 3.03 3.05 9.84
CA PRO A 67 3.80 2.23 8.89
C PRO A 67 3.24 0.80 8.78
N GLN A 68 2.98 0.19 9.94
CA GLN A 68 2.50 -1.19 10.04
C GLN A 68 1.27 -1.47 9.17
N ASP A 69 0.30 -0.55 9.18
CA ASP A 69 -1.01 -0.86 8.59
C ASP A 69 -1.30 -0.17 7.25
N THR A 70 -0.39 0.67 6.76
CA THR A 70 -0.61 1.36 5.47
C THR A 70 -0.91 0.35 4.35
N PRO A 71 -0.17 -0.77 4.26
CA PRO A 71 -0.46 -1.76 3.22
C PRO A 71 -1.89 -2.32 3.23
N ARG A 72 -2.43 -2.59 4.42
CA ARG A 72 -3.82 -3.04 4.57
C ARG A 72 -4.84 -1.99 4.09
N PHE A 73 -4.60 -0.72 4.40
CA PHE A 73 -5.43 0.39 3.84
C PHE A 73 -5.31 0.43 2.32
N GLN A 74 -4.08 0.29 1.79
CA GLN A 74 -3.88 0.27 0.35
C GLN A 74 -4.57 -0.90 -0.35
N GLN A 75 -4.61 -2.06 0.30
CA GLN A 75 -5.25 -3.26 -0.26
C GLN A 75 -6.76 -3.05 -0.31
N LEU A 76 -7.28 -2.44 0.75
CA LEU A 76 -8.69 -2.12 0.84
C LEU A 76 -9.12 -1.07 -0.17
N LEU A 77 -8.36 0.00 -0.27
CA LEU A 77 -8.81 1.22 -0.91
C LEU A 77 -8.12 1.48 -2.25
N GLY A 78 -6.94 0.91 -2.45
CA GLY A 78 -6.21 1.11 -3.70
C GLY A 78 -5.86 2.58 -3.93
N ASP A 79 -5.84 2.95 -5.21
CA ASP A 79 -5.47 4.31 -5.57
C ASP A 79 -6.71 5.20 -5.74
N GLY A 80 -7.89 4.61 -5.52
CA GLY A 80 -9.17 5.34 -5.57
C GLY A 80 -9.85 5.29 -6.94
N SER A 81 -9.10 4.85 -7.95
CA SER A 81 -9.56 4.92 -9.33
C SER A 81 -10.85 4.14 -9.56
N ASN A 82 -11.04 3.02 -8.84
CA ASN A 82 -12.31 2.30 -8.90
C ASN A 82 -13.52 3.15 -8.54
N TRP A 83 -13.32 4.22 -7.76
CA TRP A 83 -14.43 5.04 -7.24
C TRP A 83 -14.38 6.47 -7.68
N GLY A 84 -13.62 6.74 -8.73
CA GLY A 84 -13.47 8.10 -9.26
C GLY A 84 -12.70 9.03 -8.33
N LEU A 85 -11.82 8.49 -7.52
CA LEU A 85 -11.02 9.28 -6.60
C LEU A 85 -9.53 9.15 -6.95
N ASP A 86 -8.72 9.97 -6.30
CA ASP A 86 -7.27 9.73 -6.23
C ASP A 86 -6.86 9.66 -4.77
N LEU A 87 -6.37 8.48 -4.38
CA LEU A 87 -5.97 8.26 -3.02
C LEU A 87 -4.46 8.15 -2.94
N GLN A 88 -3.89 8.95 -2.04
CA GLN A 88 -2.48 8.88 -1.77
C GLN A 88 -2.30 8.49 -0.30
N TYR A 89 -1.13 7.98 0.03
CA TYR A 89 -0.89 7.47 1.37
C TYR A 89 0.34 8.14 1.98
N ALA A 90 0.29 8.35 3.30
CA ALA A 90 1.48 8.74 4.07
C ALA A 90 1.47 8.03 5.41
N VAL A 91 2.65 7.91 6.02
CA VAL A 91 2.79 7.23 7.31
C VAL A 91 2.95 8.24 8.45
N GLN A 92 2.49 7.86 9.63
CA GLN A 92 2.79 8.62 10.83
C GLN A 92 3.59 7.71 11.75
N PRO A 93 4.93 7.89 11.78
CA PRO A 93 5.78 7.00 12.56
C PRO A 93 5.44 6.99 14.05
N SER A 94 5.08 8.16 14.58
CA SER A 94 4.78 8.35 15.99
C SER A 94 3.53 9.20 16.13
N PRO A 95 2.62 8.82 17.05
CA PRO A 95 1.36 9.54 17.22
C PRO A 95 1.51 10.89 17.94
N ASP A 96 2.02 11.89 17.23
CA ASP A 96 2.36 13.19 17.84
C ASP A 96 1.20 14.19 17.82
N GLY A 97 0.02 13.76 17.38
CA GLY A 97 -1.19 14.60 17.42
C GLY A 97 -1.83 14.90 16.07
N LEU A 98 -3.07 15.39 16.12
CA LEU A 98 -3.90 15.58 14.92
C LEU A 98 -3.35 16.65 13.95
N ALA A 99 -2.81 17.73 14.50
CA ALA A 99 -2.31 18.85 13.69
C ALA A 99 -1.08 18.47 12.88
N GLN A 100 -0.42 17.39 13.27
CA GLN A 100 0.68 16.83 12.49
C GLN A 100 0.28 16.42 11.07
N ALA A 101 -1.02 16.23 10.82
CA ALA A 101 -1.49 15.85 9.49
C ALA A 101 -1.06 16.86 8.44
N PHE A 102 -0.97 18.12 8.83
CA PHE A 102 -0.63 19.20 7.91
C PHE A 102 0.85 19.28 7.53
N LEU A 103 1.72 18.86 8.44
CA LEU A 103 3.15 18.76 8.15
C LEU A 103 3.43 17.49 7.35
N ILE A 104 2.88 16.36 7.78
CA ILE A 104 2.96 15.13 7.00
C ILE A 104 2.38 15.35 5.60
N GLY A 105 1.25 16.07 5.52
CA GLY A 105 0.57 16.30 4.26
C GLY A 105 0.91 17.59 3.55
N GLU A 106 2.00 18.25 3.97
CA GLU A 106 2.37 19.54 3.37
C GLU A 106 2.57 19.47 1.84
N SER A 107 3.30 18.47 1.37
CA SER A 107 3.53 18.35 -0.08
C SER A 107 2.23 17.96 -0.79
N PHE A 108 1.42 17.12 -0.15
CA PHE A 108 0.13 16.72 -0.70
C PHE A 108 -0.79 17.92 -0.87
N ILE A 109 -0.81 18.79 0.12
CA ILE A 109 -1.75 19.92 0.13
C ILE A 109 -1.37 20.98 -0.91
N GLY A 110 -0.08 21.26 -1.03
CA GLY A 110 0.39 22.26 -2.01
C GLY A 110 -0.21 23.60 -1.64
N ASN A 111 -0.74 24.30 -2.65
CA ASN A 111 -1.35 25.64 -2.47
C ASN A 111 -2.88 25.58 -2.39
N ASP A 112 -3.44 24.40 -2.14
CA ASP A 112 -4.89 24.22 -2.14
C ASP A 112 -5.54 24.41 -0.78
N LEU A 113 -6.87 24.52 -0.81
CA LEU A 113 -7.69 24.46 0.38
C LEU A 113 -7.62 23.00 0.87
N SER A 114 -8.05 22.73 2.10
CA SER A 114 -8.01 21.38 2.62
C SER A 114 -9.15 21.10 3.59
N ALA A 115 -9.28 19.83 3.91
CA ALA A 115 -10.25 19.34 4.88
C ALA A 115 -9.63 18.15 5.56
N LEU A 116 -9.79 18.10 6.87
CA LEU A 116 -9.32 16.98 7.67
C LEU A 116 -10.49 16.24 8.32
N VAL A 117 -10.49 14.93 8.24
CA VAL A 117 -11.44 14.14 9.02
C VAL A 117 -10.72 13.06 9.80
N LEU A 118 -11.21 12.81 11.01
CA LEU A 118 -10.70 11.70 11.80
C LEU A 118 -11.23 10.39 11.21
N GLY A 119 -10.33 9.43 11.00
CA GLY A 119 -10.69 8.15 10.41
C GLY A 119 -11.60 7.27 11.24
N ASP A 120 -11.86 7.66 12.49
CA ASP A 120 -12.79 6.93 13.36
C ASP A 120 -14.11 7.68 13.67
N ASN A 121 -14.41 8.75 12.92
CA ASN A 121 -15.60 9.58 13.17
C ASN A 121 -16.73 9.22 12.19
N LEU A 122 -17.90 8.86 12.72
CA LEU A 122 -19.06 8.48 11.91
C LEU A 122 -20.15 9.54 12.06
N TYR A 123 -20.72 9.95 10.95
CA TYR A 123 -21.81 10.93 10.95
C TYR A 123 -22.98 10.37 10.17
N TYR A 124 -24.18 10.83 10.54
CA TYR A 124 -25.37 10.47 9.82
C TYR A 124 -26.39 11.58 10.02
N GLY A 125 -27.11 11.92 8.94
CA GLY A 125 -28.28 12.76 9.05
C GLY A 125 -28.76 13.40 7.76
N HIS A 126 -29.92 14.02 7.87
CA HIS A 126 -30.60 14.58 6.72
C HIS A 126 -29.98 15.88 6.36
N ASP A 127 -29.82 16.09 5.05
CA ASP A 127 -29.16 17.28 4.48
C ASP A 127 -27.67 17.38 4.87
N PHE A 128 -27.03 16.26 5.17
CA PHE A 128 -25.61 16.29 5.56
C PHE A 128 -24.79 16.87 4.39
N HIS A 129 -25.20 16.49 3.19
CA HIS A 129 -24.59 16.97 1.97
C HIS A 129 -24.56 18.48 1.89
N GLU A 130 -25.66 19.11 2.30
CA GLU A 130 -25.77 20.55 2.27
C GLU A 130 -24.96 21.20 3.41
N LEU A 131 -24.99 20.58 4.60
CA LEU A 131 -24.14 21.02 5.72
C LEU A 131 -22.66 21.06 5.31
N LEU A 132 -22.19 19.99 4.68
CA LEU A 132 -20.80 19.93 4.20
C LEU A 132 -20.50 20.90 3.04
N GLY A 133 -21.45 21.07 2.12
CA GLY A 133 -21.29 21.94 0.96
C GLY A 133 -21.08 23.41 1.31
N SER A 134 -21.74 23.86 2.37
CA SER A 134 -21.61 25.23 2.87
C SER A 134 -20.25 25.49 3.54
N ALA A 135 -19.74 24.48 4.23
CA ALA A 135 -18.39 24.54 4.77
C ALA A 135 -17.39 24.57 3.61
N SER A 136 -17.53 23.64 2.67
CA SER A 136 -16.63 23.54 1.51
C SER A 136 -16.53 24.84 0.70
N GLN A 137 -17.62 25.59 0.64
CA GLN A 137 -17.71 26.74 -0.26
C GLN A 137 -17.15 28.00 0.39
N ARG A 138 -17.07 28.00 1.71
CA ARG A 138 -16.31 29.03 2.42
C ARG A 138 -14.83 28.81 2.09
N GLN A 139 -14.34 29.55 1.11
CA GLN A 139 -12.97 29.38 0.62
C GLN A 139 -11.95 29.92 1.62
N THR A 140 -12.34 31.01 2.28
CA THR A 140 -11.49 31.70 3.21
C THR A 140 -11.82 31.32 4.65
N GLY A 141 -10.77 31.25 5.47
CA GLY A 141 -10.93 30.96 6.87
C GLY A 141 -11.01 29.48 7.10
N ALA A 142 -11.50 29.14 8.30
CA ALA A 142 -11.68 27.75 8.71
C ALA A 142 -13.14 27.53 9.06
N SER A 143 -13.62 26.32 8.82
CA SER A 143 -14.98 25.94 9.21
C SER A 143 -14.92 24.67 10.05
N VAL A 144 -15.69 24.66 11.13
CA VAL A 144 -15.80 23.48 11.97
C VAL A 144 -17.25 23.38 12.40
N PHE A 145 -17.56 22.27 13.06
CA PHE A 145 -18.91 21.99 13.49
C PHE A 145 -18.95 21.70 14.98
N ALA A 146 -19.98 22.24 15.64
CA ALA A 146 -20.20 22.07 17.07
C ALA A 146 -21.45 21.24 17.28
N TYR A 147 -21.38 20.31 18.23
CA TYR A 147 -22.39 19.29 18.45
C TYR A 147 -22.58 19.01 19.94
N HIS A 148 -23.81 19.08 20.38
CA HIS A 148 -24.14 18.93 21.79
C HIS A 148 -23.90 17.50 22.22
N VAL A 149 -23.08 17.34 23.26
CA VAL A 149 -22.78 16.01 23.78
C VAL A 149 -22.97 15.96 25.31
N LEU A 150 -23.00 14.75 25.83
CA LEU A 150 -23.19 14.49 27.25
C LEU A 150 -21.94 14.82 28.05
N ASP A 151 -20.78 14.63 27.43
CA ASP A 151 -19.45 14.66 28.11
C ASP A 151 -18.46 15.57 27.37
N PRO A 152 -18.72 16.88 27.37
CA PRO A 152 -17.91 17.82 26.59
C PRO A 152 -16.45 17.91 27.06
N GLU A 153 -16.22 17.57 28.32
CA GLU A 153 -14.87 17.50 28.92
C GLU A 153 -13.90 16.59 28.17
N ARG A 154 -14.42 15.72 27.31
CA ARG A 154 -13.58 14.82 26.50
C ARG A 154 -13.09 15.46 25.23
N TYR A 155 -13.61 16.63 24.91
CA TYR A 155 -13.44 17.20 23.59
C TYR A 155 -12.90 18.59 23.62
N GLY A 156 -12.62 19.12 22.43
CA GLY A 156 -12.54 20.57 22.24
C GLY A 156 -13.95 21.13 22.41
N VAL A 157 -14.08 22.17 23.22
CA VAL A 157 -15.37 22.74 23.59
C VAL A 157 -15.42 24.18 23.14
N VAL A 158 -16.54 24.54 22.52
CA VAL A 158 -16.75 25.87 21.98
C VAL A 158 -17.72 26.64 22.89
N GLU A 159 -17.33 27.88 23.21
CA GLU A 159 -18.13 28.75 24.09
C GLU A 159 -18.74 29.81 23.22
N PHE A 160 -20.02 30.10 23.46
CA PHE A 160 -20.77 31.04 22.66
C PHE A 160 -21.24 32.20 23.54
N ASP A 161 -21.34 33.40 22.96
CA ASP A 161 -21.97 34.52 23.68
C ASP A 161 -23.50 34.44 23.52
N GLN A 162 -24.22 35.40 24.10
CA GLN A 162 -25.69 35.39 24.04
C GLN A 162 -26.22 35.54 22.61
N GLY A 163 -25.42 36.14 21.73
CA GLY A 163 -25.78 36.25 20.32
C GLY A 163 -25.49 35.02 19.47
N GLY A 164 -24.91 33.98 20.08
CA GLY A 164 -24.55 32.75 19.34
C GLY A 164 -23.18 32.75 18.69
N LYS A 165 -22.39 33.80 18.94
CA LYS A 165 -21.05 33.94 18.39
C LYS A 165 -20.03 33.11 19.20
N ALA A 166 -19.21 32.33 18.51
CA ALA A 166 -18.15 31.58 19.20
C ALA A 166 -17.16 32.59 19.74
N ILE A 167 -16.82 32.45 21.01
CA ILE A 167 -15.92 33.39 21.67
C ILE A 167 -14.69 32.73 22.30
N SER A 168 -14.71 31.41 22.51
CA SER A 168 -13.52 30.71 23.01
C SER A 168 -13.55 29.21 22.74
N LEU A 169 -12.36 28.61 22.75
CA LEU A 169 -12.17 27.18 22.54
C LEU A 169 -11.24 26.69 23.62
N GLU A 170 -11.54 25.50 24.15
CA GLU A 170 -10.76 24.91 25.22
C GLU A 170 -10.68 23.42 24.96
N GLU A 171 -9.47 22.88 25.01
CA GLU A 171 -9.26 21.45 24.80
C GLU A 171 -9.42 20.70 26.13
N LYS A 172 -10.41 19.83 26.19
CA LYS A 172 -10.69 19.00 27.38
C LYS A 172 -10.70 19.79 28.69
N PRO A 173 -11.57 20.80 28.77
CA PRO A 173 -11.67 21.54 30.02
C PRO A 173 -12.34 20.71 31.13
N LEU A 174 -11.82 20.80 32.36
CA LEU A 174 -12.45 20.14 33.50
C LEU A 174 -13.84 20.72 33.82
N GLU A 175 -14.04 22.00 33.56
CA GLU A 175 -15.36 22.62 33.71
C GLU A 175 -15.78 23.28 32.39
N PRO A 176 -16.34 22.47 31.47
CA PRO A 176 -16.76 22.97 30.15
C PRO A 176 -17.65 24.21 30.25
N LYS A 177 -17.40 25.19 29.39
CA LYS A 177 -18.26 26.37 29.31
C LYS A 177 -19.58 26.08 28.58
N SER A 178 -19.62 24.99 27.81
CA SER A 178 -20.87 24.57 27.16
C SER A 178 -20.82 23.07 26.99
N ASN A 179 -21.89 22.50 26.44
CA ASN A 179 -21.91 21.10 26.08
C ASN A 179 -21.60 20.88 24.59
N TYR A 180 -21.06 21.91 23.92
CA TYR A 180 -20.85 21.88 22.49
C TYR A 180 -19.43 21.52 22.17
N ALA A 181 -19.26 20.30 21.67
CA ALA A 181 -17.98 19.75 21.29
C ALA A 181 -17.67 20.07 19.82
N VAL A 182 -16.39 20.29 19.53
CA VAL A 182 -15.95 20.45 18.15
C VAL A 182 -15.73 19.07 17.55
N THR A 183 -16.41 18.78 16.43
CA THR A 183 -16.41 17.44 15.86
C THR A 183 -15.13 17.24 15.05
N GLY A 184 -14.88 16.01 14.60
CA GLY A 184 -13.62 15.64 13.98
C GLY A 184 -13.62 15.83 12.47
N LEU A 185 -14.18 16.95 12.05
CA LEU A 185 -14.27 17.32 10.66
C LEU A 185 -13.93 18.80 10.52
N TYR A 186 -12.91 19.10 9.74
CA TYR A 186 -12.37 20.45 9.73
C TYR A 186 -12.07 20.86 8.31
N PHE A 187 -12.50 22.08 7.94
CA PHE A 187 -12.21 22.67 6.64
C PHE A 187 -11.26 23.88 6.80
N TYR A 188 -10.19 23.91 5.98
CA TYR A 188 -9.16 24.96 6.09
C TYR A 188 -8.78 25.58 4.76
N ASP A 189 -8.34 26.83 4.86
CA ASP A 189 -7.82 27.56 3.72
C ASP A 189 -6.32 27.33 3.67
N GLN A 190 -5.60 28.12 2.87
CA GLN A 190 -4.17 27.87 2.65
C GLN A 190 -3.28 28.35 3.80
N GLN A 191 -3.86 28.96 4.84
CA GLN A 191 -3.11 29.38 6.03
C GLN A 191 -2.73 28.26 7.00
N VAL A 192 -3.36 27.10 6.88
CA VAL A 192 -3.28 26.06 7.91
C VAL A 192 -1.88 25.42 8.08
N VAL A 193 -1.16 25.17 6.98
CA VAL A 193 0.13 24.48 7.09
C VAL A 193 1.16 25.34 7.86
N ASP A 194 1.15 26.66 7.62
CA ASP A 194 2.04 27.59 8.34
C ASP A 194 1.67 27.72 9.81
N ILE A 195 0.38 27.82 10.09
CA ILE A 195 -0.11 27.80 11.47
C ILE A 195 0.34 26.52 12.16
N ALA A 196 0.18 25.38 11.49
CA ALA A 196 0.61 24.09 12.01
C ALA A 196 2.12 24.01 12.23
N ARG A 197 2.91 24.53 11.29
CA ARG A 197 4.37 24.46 11.44
C ARG A 197 4.83 25.22 12.70
N ASP A 198 4.11 26.28 13.07
CA ASP A 198 4.46 27.12 14.21
C ASP A 198 3.87 26.67 15.57
N LEU A 199 3.19 25.53 15.61
CA LEU A 199 2.67 24.99 16.87
C LEU A 199 3.79 24.39 17.75
N LYS A 200 3.69 24.60 19.06
CA LYS A 200 4.52 23.89 20.02
C LYS A 200 3.72 22.72 20.60
N PRO A 201 4.36 21.58 20.89
CA PRO A 201 3.62 20.49 21.52
C PRO A 201 2.94 20.93 22.83
N SER A 202 1.73 20.41 23.06
CA SER A 202 0.98 20.70 24.29
C SER A 202 1.70 20.09 25.51
N PRO A 203 1.14 20.29 26.72
CA PRO A 203 1.56 19.56 27.91
C PRO A 203 1.74 18.04 27.73
N ARG A 204 1.10 17.44 26.72
CA ARG A 204 1.24 16.01 26.45
C ARG A 204 2.15 15.67 25.28
N GLY A 205 2.98 16.61 24.85
CA GLY A 205 3.87 16.41 23.71
C GLY A 205 3.07 16.10 22.45
N GLU A 206 2.03 16.92 22.22
CA GLU A 206 1.08 16.67 21.14
C GLU A 206 0.68 17.97 20.43
N LEU A 207 0.70 17.94 19.10
CA LEU A 207 0.31 19.09 18.28
C LEU A 207 -1.21 19.17 18.13
N GLU A 208 -1.81 20.15 18.81
CA GLU A 208 -3.26 20.26 19.00
C GLU A 208 -4.04 20.94 17.87
N ILE A 209 -5.09 20.26 17.40
CA ILE A 209 -5.97 20.87 16.43
C ILE A 209 -6.70 22.10 17.01
N THR A 210 -7.03 22.05 18.30
CA THR A 210 -7.70 23.17 18.96
C THR A 210 -6.88 24.47 18.95
N ASP A 211 -5.55 24.35 19.05
CA ASP A 211 -4.64 25.51 18.88
C ASP A 211 -4.72 26.05 17.46
N VAL A 212 -4.85 25.16 16.47
CA VAL A 212 -5.01 25.62 15.09
C VAL A 212 -6.29 26.43 14.97
N ASN A 213 -7.39 25.83 15.41
CA ASN A 213 -8.70 26.47 15.35
C ASN A 213 -8.74 27.78 16.14
N ARG A 214 -8.04 27.82 17.27
CA ARG A 214 -7.96 29.05 18.05
C ARG A 214 -7.20 30.15 17.30
N ALA A 215 -6.18 29.75 16.53
CA ALA A 215 -5.44 30.69 15.70
C ALA A 215 -6.37 31.34 14.71
N TYR A 216 -7.21 30.54 14.03
CA TYR A 216 -8.24 31.09 13.14
C TYR A 216 -9.23 31.96 13.90
N LEU A 217 -9.66 31.52 15.08
CA LEU A 217 -10.60 32.32 15.88
C LEU A 217 -10.01 33.71 16.20
N GLU A 218 -8.75 33.71 16.63
CA GLU A 218 -8.05 34.96 16.93
C GLU A 218 -7.93 35.90 15.73
N ARG A 219 -7.77 35.35 14.52
CA ARG A 219 -7.80 36.15 13.29
C ARG A 219 -9.21 36.57 12.87
N GLY A 220 -10.24 36.21 13.64
CA GLY A 220 -11.63 36.42 13.22
C GLY A 220 -12.03 35.61 11.98
N GLN A 221 -11.42 34.45 11.79
CA GLN A 221 -11.70 33.67 10.57
C GLN A 221 -12.14 32.23 10.83
N LEU A 222 -12.79 32.02 11.98
CA LEU A 222 -13.38 30.73 12.30
C LEU A 222 -14.90 30.81 12.19
N SER A 223 -15.45 30.02 11.27
CA SER A 223 -16.89 29.76 11.22
C SER A 223 -17.20 28.51 12.03
N VAL A 224 -18.08 28.65 13.00
CA VAL A 224 -18.62 27.50 13.75
C VAL A 224 -20.08 27.34 13.35
N GLU A 225 -20.36 26.30 12.57
CA GLU A 225 -21.73 25.90 12.21
C GLU A 225 -22.20 24.84 13.21
N ILE A 226 -23.40 25.01 13.76
CA ILE A 226 -24.00 24.02 14.62
C ILE A 226 -24.41 22.78 13.81
N MET A 227 -23.98 21.62 14.27
CA MET A 227 -24.50 20.36 13.76
C MET A 227 -25.59 19.99 14.74
N GLY A 228 -26.83 20.08 14.30
CA GLY A 228 -28.00 19.96 15.18
C GLY A 228 -28.28 18.56 15.74
N ARG A 229 -29.21 18.49 16.69
CA ARG A 229 -29.49 17.25 17.43
C ARG A 229 -30.07 16.13 16.55
N GLY A 230 -30.63 16.52 15.40
CA GLY A 230 -31.12 15.54 14.45
C GLY A 230 -30.03 14.87 13.63
N TYR A 231 -28.77 15.28 13.77
CA TYR A 231 -27.62 14.50 13.28
C TYR A 231 -27.08 13.56 14.33
N ALA A 232 -26.56 12.42 13.88
CA ALA A 232 -25.92 11.46 14.78
C ALA A 232 -24.42 11.50 14.52
N TRP A 233 -23.66 11.97 15.50
CA TRP A 233 -22.22 11.86 15.50
C TRP A 233 -21.92 10.80 16.51
N LEU A 234 -21.50 9.64 16.01
CA LEU A 234 -21.38 8.43 16.83
C LEU A 234 -19.99 8.30 17.49
N ASP A 235 -20.02 7.98 18.79
CA ASP A 235 -18.80 7.77 19.56
C ASP A 235 -18.18 6.44 19.12
N THR A 236 -16.87 6.42 18.85
CA THR A 236 -16.10 5.18 18.66
C THR A 236 -14.90 5.10 19.62
N GLY A 237 -14.96 5.84 20.72
CA GLY A 237 -13.86 5.90 21.68
C GLY A 237 -13.74 4.72 22.63
N THR A 238 -14.81 3.95 22.80
CA THR A 238 -14.79 2.80 23.71
C THR A 238 -15.35 1.56 23.02
N HIS A 239 -15.05 0.38 23.57
CA HIS A 239 -15.68 -0.86 23.08
C HIS A 239 -17.17 -0.76 23.15
N ASP A 240 -17.68 -0.15 24.22
CA ASP A 240 -19.14 0.03 24.36
C ASP A 240 -19.72 0.91 23.26
N SER A 241 -19.10 2.06 23.00
CA SER A 241 -19.61 2.94 21.95
C SER A 241 -19.47 2.31 20.57
N LEU A 242 -18.37 1.61 20.31
CA LEU A 242 -18.19 0.86 19.05
C LEU A 242 -19.37 -0.08 18.81
N LEU A 243 -19.75 -0.81 19.84
CA LEU A 243 -20.87 -1.72 19.68
C LEU A 243 -22.16 -0.94 19.37
N GLU A 244 -22.38 0.16 20.08
CA GLU A 244 -23.55 1.02 19.80
C GLU A 244 -23.55 1.58 18.40
N ALA A 245 -22.37 1.95 17.91
CA ALA A 245 -22.23 2.45 16.54
C ALA A 245 -22.69 1.41 15.53
N GLY A 246 -22.24 0.17 15.72
CA GLY A 246 -22.61 -0.94 14.86
C GLY A 246 -24.12 -1.24 14.87
N GLN A 247 -24.71 -1.30 16.05
CA GLN A 247 -26.15 -1.50 16.20
C GLN A 247 -26.97 -0.37 15.55
N PHE A 248 -26.51 0.88 15.71
CA PHE A 248 -27.12 2.07 15.09
C PHE A 248 -27.19 1.99 13.57
N ILE A 249 -26.04 1.72 12.94
CA ILE A 249 -25.96 1.54 11.52
C ILE A 249 -26.85 0.36 11.07
N ALA A 250 -26.83 -0.74 11.80
CA ALA A 250 -27.61 -1.91 11.42
C ALA A 250 -29.12 -1.65 11.45
N THR A 251 -29.58 -0.94 12.46
CA THR A 251 -30.99 -0.61 12.58
C THR A 251 -31.45 0.28 11.43
N LEU A 252 -30.65 1.29 11.11
CA LEU A 252 -30.93 2.17 9.97
C LEU A 252 -30.95 1.37 8.66
N GLU A 253 -29.89 0.60 8.39
CA GLU A 253 -29.82 -0.08 7.09
C GLU A 253 -30.85 -1.21 6.91
N ASN A 254 -31.14 -1.96 7.96
CA ASN A 254 -32.09 -3.04 7.87
C ASN A 254 -33.52 -2.53 7.76
N ARG A 255 -33.74 -1.34 8.28
CA ARG A 255 -35.05 -0.70 8.18
C ARG A 255 -35.27 -0.20 6.73
N GLN A 256 -34.28 0.50 6.21
CA GLN A 256 -34.41 1.27 5.00
C GLN A 256 -34.11 0.50 3.74
N GLY A 257 -33.26 -0.51 3.85
CA GLY A 257 -32.69 -1.15 2.66
C GLY A 257 -31.78 -0.20 1.91
N LEU A 258 -31.23 0.78 2.62
CA LEU A 258 -30.25 1.72 2.10
C LEU A 258 -29.09 1.74 3.05
N LYS A 259 -27.88 1.88 2.50
CA LYS A 259 -26.67 1.82 3.29
C LYS A 259 -26.15 3.22 3.63
N VAL A 260 -25.51 3.32 4.81
CA VAL A 260 -24.82 4.52 5.23
C VAL A 260 -23.35 4.39 4.83
N ALA A 261 -22.83 5.40 4.14
CA ALA A 261 -21.41 5.49 3.84
C ALA A 261 -20.91 4.31 2.98
N CYS A 262 -21.66 4.00 1.93
CA CYS A 262 -21.24 3.08 0.87
C CYS A 262 -20.54 3.95 -0.18
N PRO A 263 -19.19 3.88 -0.25
CA PRO A 263 -18.45 4.72 -1.20
C PRO A 263 -18.80 4.50 -2.67
N GLU A 264 -19.07 3.27 -3.07
CA GLU A 264 -19.49 2.99 -4.46
C GLU A 264 -20.72 3.79 -4.84
N GLU A 265 -21.69 3.83 -3.93
CA GLU A 265 -22.95 4.52 -4.14
C GLU A 265 -22.78 6.04 -4.23
N ILE A 266 -21.98 6.60 -3.32
CA ILE A 266 -21.74 8.02 -3.27
C ILE A 266 -21.00 8.49 -4.51
N ALA A 267 -20.00 7.73 -4.94
CA ALA A 267 -19.32 8.03 -6.20
C ALA A 267 -20.29 8.03 -7.39
N TYR A 268 -21.17 7.04 -7.42
CA TYR A 268 -22.20 6.91 -8.47
C TYR A 268 -23.20 8.07 -8.47
N ARG A 269 -23.63 8.51 -7.30
CA ARG A 269 -24.55 9.65 -7.18
C ARG A 269 -23.84 10.98 -7.42
N GLN A 270 -22.54 11.04 -7.13
CA GLN A 270 -21.74 12.24 -7.46
C GLN A 270 -21.35 12.29 -8.95
N LYS A 271 -21.72 11.25 -9.69
CA LYS A 271 -21.39 11.12 -11.10
C LYS A 271 -19.87 11.00 -11.32
N TRP A 272 -19.18 10.38 -10.36
CA TRP A 272 -17.76 10.10 -10.52
C TRP A 272 -17.53 8.76 -11.15
N ILE A 273 -18.51 7.88 -11.06
CA ILE A 273 -18.49 6.62 -11.81
C ILE A 273 -19.85 6.41 -12.46
N ASP A 274 -19.90 5.64 -13.56
CA ASP A 274 -21.16 5.43 -14.28
C ASP A 274 -21.75 4.06 -13.98
N ALA A 275 -22.93 3.81 -14.51
CA ALA A 275 -23.63 2.54 -14.34
C ALA A 275 -22.80 1.30 -14.69
N ALA A 276 -22.03 1.36 -15.78
CA ALA A 276 -21.22 0.23 -16.22
C ALA A 276 -20.09 -0.09 -15.25
N GLN A 277 -19.41 0.96 -14.78
CA GLN A 277 -18.39 0.82 -13.72
C GLN A 277 -18.98 0.36 -12.38
N LEU A 278 -20.16 0.85 -12.02
CA LEU A 278 -20.80 0.38 -10.79
C LEU A 278 -21.11 -1.11 -10.91
N GLU A 279 -21.58 -1.52 -12.08
CA GLU A 279 -21.89 -2.91 -12.37
C GLU A 279 -20.65 -3.80 -12.21
N LYS A 280 -19.49 -3.30 -12.62
CA LYS A 280 -18.23 -4.06 -12.47
C LYS A 280 -17.81 -4.22 -11.00
N LEU A 281 -17.99 -3.16 -10.21
CA LEU A 281 -17.66 -3.21 -8.77
C LEU A 281 -18.55 -4.18 -8.00
N ALA A 282 -19.78 -4.35 -8.49
CA ALA A 282 -20.74 -5.30 -7.93
C ALA A 282 -20.32 -6.77 -8.15
N ALA A 283 -19.77 -7.08 -9.32
CA ALA A 283 -19.47 -8.48 -9.71
C ALA A 283 -18.74 -9.30 -8.66
N PRO A 284 -17.59 -8.81 -8.14
CA PRO A 284 -16.83 -9.60 -7.16
C PRO A 284 -17.56 -9.92 -5.85
N LEU A 285 -18.52 -9.09 -5.45
CA LEU A 285 -19.29 -9.35 -4.22
C LEU A 285 -20.75 -9.73 -4.51
N ALA A 286 -21.03 -10.26 -5.70
CA ALA A 286 -22.41 -10.60 -6.09
C ALA A 286 -23.09 -11.60 -5.15
N LYS A 287 -22.30 -12.45 -4.48
CA LYS A 287 -22.84 -13.52 -3.64
C LYS A 287 -23.16 -13.08 -2.20
N ASN A 288 -22.88 -11.82 -1.86
CA ASN A 288 -23.27 -11.26 -0.55
C ASN A 288 -24.16 -10.03 -0.73
N GLY A 289 -24.78 -9.60 0.36
CA GLY A 289 -25.70 -8.46 0.34
C GLY A 289 -25.10 -7.15 -0.13
N TYR A 290 -23.79 -6.97 0.09
CA TYR A 290 -23.10 -5.75 -0.33
C TYR A 290 -23.09 -5.61 -1.85
N GLY A 291 -22.63 -6.65 -2.56
CA GLY A 291 -22.68 -6.65 -4.04
C GLY A 291 -24.11 -6.59 -4.59
N GLN A 292 -25.04 -7.31 -3.94
CA GLN A 292 -26.44 -7.30 -4.35
C GLN A 292 -27.02 -5.91 -4.17
N TYR A 293 -26.62 -5.24 -3.10
CA TYR A 293 -27.00 -3.83 -2.90
C TYR A 293 -26.50 -2.94 -4.03
N LEU A 294 -25.25 -3.09 -4.43
CA LEU A 294 -24.70 -2.26 -5.53
C LEU A 294 -25.45 -2.48 -6.85
N LYS A 295 -25.77 -3.73 -7.14
CA LYS A 295 -26.56 -4.12 -8.32
C LYS A 295 -27.93 -3.43 -8.32
N ARG A 296 -28.65 -3.54 -7.21
CA ARG A 296 -29.99 -2.95 -7.09
C ARG A 296 -29.99 -1.45 -7.39
N LEU A 297 -28.95 -0.74 -6.94
CA LEU A 297 -28.83 0.69 -7.21
C LEU A 297 -28.84 1.08 -8.69
N LEU A 298 -28.45 0.14 -9.56
CA LEU A 298 -28.45 0.40 -11.02
C LEU A 298 -29.84 0.54 -11.61
N THR A 299 -30.86 -0.03 -10.97
CA THR A 299 -32.22 -0.04 -11.52
C THR A 299 -33.28 0.41 -10.51
N GLU A 300 -32.90 1.34 -9.64
CA GLU A 300 -33.83 1.92 -8.70
C GLU A 300 -33.59 3.42 -8.61
N THR A 301 -34.66 4.20 -8.61
CA THR A 301 -34.56 5.61 -8.29
C THR A 301 -34.71 5.76 -6.78
N VAL A 302 -33.72 6.39 -6.15
CA VAL A 302 -33.73 6.67 -4.71
C VAL A 302 -33.63 8.17 -4.55
N TYR A 303 -34.67 8.76 -3.97
CA TYR A 303 -34.71 10.21 -3.76
C TYR A 303 -33.90 10.64 -2.54
N MET B 11 -2.45 -39.58 29.49
CA MET B 11 -2.02 -39.31 28.09
C MET B 11 -2.29 -37.87 27.66
N LYS B 12 -1.38 -37.34 26.86
CA LYS B 12 -1.43 -35.95 26.40
C LYS B 12 -2.50 -35.74 25.34
N ARG B 13 -3.24 -34.64 25.45
CA ARG B 13 -4.12 -34.19 24.36
C ARG B 13 -3.69 -32.81 23.86
N LYS B 14 -3.46 -32.74 22.55
CA LYS B 14 -3.01 -31.50 21.91
C LYS B 14 -4.19 -30.79 21.25
N GLY B 15 -4.11 -29.47 21.17
CA GLY B 15 -5.20 -28.67 20.60
C GLY B 15 -4.85 -28.02 19.27
N ILE B 16 -5.86 -27.88 18.40
CA ILE B 16 -5.72 -27.19 17.13
C ILE B 16 -6.83 -26.18 17.06
N ILE B 17 -6.49 -24.94 16.73
CA ILE B 17 -7.50 -23.94 16.39
C ILE B 17 -7.44 -23.68 14.89
N LEU B 18 -8.52 -23.97 14.19
CA LEU B 18 -8.59 -23.62 12.76
C LEU B 18 -9.21 -22.23 12.60
N ALA B 19 -8.40 -21.29 12.16
CA ALA B 19 -8.83 -19.93 11.96
C ALA B 19 -8.60 -19.54 10.51
N GLY B 20 -9.25 -20.26 9.59
CA GLY B 20 -9.09 -20.05 8.15
C GLY B 20 -9.96 -18.96 7.59
N GLY B 21 -10.07 -18.89 6.27
CA GLY B 21 -10.80 -17.80 5.61
C GLY B 21 -12.31 -18.00 5.54
N SER B 22 -13.07 -16.90 5.68
CA SER B 22 -14.53 -16.91 5.46
C SER B 22 -14.91 -16.55 4.02
N GLY B 23 -13.92 -16.46 3.13
CA GLY B 23 -14.16 -16.15 1.72
C GLY B 23 -14.44 -14.67 1.48
N THR B 24 -15.36 -14.38 0.56
CA THR B 24 -15.80 -13.01 0.33
C THR B 24 -17.14 -12.75 0.99
N ARG B 25 -17.60 -13.68 1.81
CA ARG B 25 -18.98 -13.64 2.29
C ARG B 25 -19.27 -12.49 3.28
N LEU B 26 -18.27 -12.07 4.05
CA LEU B 26 -18.40 -10.91 4.94
C LEU B 26 -17.66 -9.67 4.42
N HIS B 27 -17.26 -9.69 3.15
CA HIS B 27 -16.61 -8.54 2.56
C HIS B 27 -17.64 -7.46 2.37
N PRO B 28 -17.25 -6.18 2.50
CA PRO B 28 -15.88 -5.68 2.66
C PRO B 28 -15.36 -5.57 4.10
N ALA B 29 -16.19 -5.92 5.09
CA ALA B 29 -15.79 -5.79 6.50
C ALA B 29 -14.53 -6.59 6.79
N THR B 30 -14.40 -7.73 6.12
CA THR B 30 -13.27 -8.63 6.30
C THR B 30 -12.29 -8.61 5.12
N LEU B 31 -12.36 -7.58 4.28
CA LEU B 31 -11.47 -7.49 3.12
C LEU B 31 -10.00 -7.29 3.56
N ALA B 32 -9.82 -6.49 4.61
CA ALA B 32 -8.51 -6.10 5.12
C ALA B 32 -7.86 -7.14 6.03
N ILE B 33 -8.68 -7.85 6.81
CA ILE B 33 -8.18 -8.82 7.78
C ILE B 33 -9.23 -9.85 8.14
N SER B 34 -8.76 -11.03 8.51
CA SER B 34 -9.63 -12.17 8.70
C SER B 34 -10.50 -11.97 9.91
N LYS B 35 -11.66 -12.60 9.85
CA LYS B 35 -12.67 -12.51 10.86
C LYS B 35 -12.17 -12.80 12.28
N GLN B 36 -11.33 -13.83 12.43
CA GLN B 36 -10.90 -14.31 13.76
C GLN B 36 -9.88 -13.40 14.47
N LEU B 37 -9.30 -12.46 13.73
CA LEU B 37 -8.40 -11.42 14.31
C LEU B 37 -9.16 -10.20 14.81
N LEU B 38 -10.39 -10.01 14.32
CA LEU B 38 -11.23 -8.92 14.78
C LEU B 38 -11.65 -9.19 16.21
N PRO B 39 -11.86 -8.14 17.00
CA PRO B 39 -12.41 -8.35 18.33
C PRO B 39 -13.91 -8.67 18.38
N VAL B 40 -14.29 -9.43 19.41
CA VAL B 40 -15.69 -9.50 19.84
C VAL B 40 -15.72 -8.75 21.18
N TYR B 41 -16.44 -7.63 21.19
CA TYR B 41 -16.39 -6.67 22.28
C TYR B 41 -14.95 -6.22 22.57
N ASP B 42 -14.31 -6.77 23.59
CA ASP B 42 -13.10 -6.17 24.19
C ASP B 42 -11.80 -6.90 23.87
N LYS B 43 -11.87 -8.01 23.15
CA LYS B 43 -10.71 -8.85 22.89
C LYS B 43 -10.79 -9.55 21.52
N PRO B 44 -9.65 -9.92 20.95
CA PRO B 44 -9.66 -10.60 19.64
C PRO B 44 -10.49 -11.87 19.66
N MET B 45 -11.33 -12.06 18.64
CA MET B 45 -12.16 -13.25 18.50
C MET B 45 -11.43 -14.52 18.91
N ILE B 46 -10.19 -14.68 18.47
CA ILE B 46 -9.46 -15.93 18.71
C ILE B 46 -9.22 -16.20 20.21
N TYR B 47 -9.27 -15.17 21.04
CA TYR B 47 -9.15 -15.37 22.49
C TYR B 47 -10.17 -16.35 23.06
N TYR B 48 -11.35 -16.40 22.46
CA TYR B 48 -12.48 -17.20 22.95
C TYR B 48 -12.29 -18.71 22.72
N PRO B 49 -12.00 -19.14 21.46
CA PRO B 49 -11.62 -20.55 21.23
C PRO B 49 -10.34 -21.00 21.95
N LEU B 50 -9.32 -20.15 21.98
CA LEU B 50 -8.11 -20.42 22.74
C LEU B 50 -8.41 -20.64 24.22
N SER B 51 -9.26 -19.78 24.77
CA SER B 51 -9.68 -19.91 26.15
C SER B 51 -10.45 -21.22 26.37
N THR B 52 -11.21 -21.64 25.36
CA THR B 52 -11.95 -22.87 25.41
C THR B 52 -11.03 -24.09 25.54
N LEU B 53 -9.97 -24.16 24.73
CA LEU B 53 -8.99 -25.23 24.83
C LEU B 53 -8.25 -25.19 26.17
N MET B 54 -7.83 -24.00 26.59
CA MET B 54 -7.18 -23.84 27.87
C MET B 54 -8.07 -24.35 29.02
N LEU B 55 -9.34 -24.00 28.98
CA LEU B 55 -10.30 -24.48 29.97
C LEU B 55 -10.41 -25.99 29.93
N ALA B 56 -10.24 -26.56 28.73
CA ALA B 56 -10.21 -28.02 28.58
C ALA B 56 -8.91 -28.64 29.07
N GLY B 57 -7.98 -27.81 29.56
CA GLY B 57 -6.71 -28.28 30.13
C GLY B 57 -5.59 -28.47 29.12
N ILE B 58 -5.81 -27.96 27.91
CA ILE B 58 -4.87 -28.15 26.81
C ILE B 58 -3.88 -26.97 26.76
N ARG B 59 -2.59 -27.29 26.76
CA ARG B 59 -1.53 -26.27 26.80
C ARG B 59 -0.72 -26.22 25.51
N GLU B 60 -0.63 -27.34 24.80
CA GLU B 60 0.07 -27.41 23.52
C GLU B 60 -0.94 -27.26 22.40
N ILE B 61 -0.81 -26.16 21.65
CA ILE B 61 -1.85 -25.74 20.71
C ILE B 61 -1.26 -25.27 19.37
N LEU B 62 -1.79 -25.80 18.28
CA LEU B 62 -1.41 -25.39 16.92
C LEU B 62 -2.47 -24.46 16.35
N ILE B 63 -2.09 -23.23 16.01
CA ILE B 63 -3.00 -22.31 15.37
C ILE B 63 -2.83 -22.36 13.86
N ILE B 64 -3.91 -22.68 13.15
CA ILE B 64 -3.90 -22.78 11.69
C ILE B 64 -4.71 -21.65 11.06
N SER B 65 -4.07 -20.86 10.18
CA SER B 65 -4.74 -19.74 9.52
C SER B 65 -4.31 -19.63 8.06
N THR B 66 -4.78 -18.58 7.39
CA THR B 66 -4.45 -18.38 6.00
C THR B 66 -2.99 -17.96 5.88
N PRO B 67 -2.41 -18.11 4.68
CA PRO B 67 -1.03 -17.66 4.51
C PRO B 67 -0.82 -16.19 4.93
N GLN B 68 -1.72 -15.31 4.51
CA GLN B 68 -1.55 -13.87 4.78
C GLN B 68 -1.60 -13.52 6.26
N ASP B 69 -2.44 -14.21 7.03
CA ASP B 69 -2.70 -13.80 8.41
C ASP B 69 -1.92 -14.55 9.50
N THR B 70 -1.27 -15.66 9.14
CA THR B 70 -0.51 -16.43 10.13
C THR B 70 0.54 -15.60 10.82
N PRO B 71 1.29 -14.77 10.09
CA PRO B 71 2.27 -13.95 10.80
C PRO B 71 1.63 -13.04 11.85
N ARG B 72 0.43 -12.56 11.56
CA ARG B 72 -0.26 -11.67 12.48
C ARG B 72 -0.81 -12.41 13.71
N PHE B 73 -1.21 -13.67 13.55
CA PHE B 73 -1.55 -14.50 14.70
C PHE B 73 -0.28 -14.76 15.51
N GLN B 74 0.84 -15.00 14.82
CA GLN B 74 2.14 -15.18 15.47
C GLN B 74 2.55 -13.97 16.29
N GLN B 75 2.31 -12.79 15.73
CA GLN B 75 2.59 -11.52 16.40
C GLN B 75 1.69 -11.33 17.63
N LEU B 76 0.39 -11.59 17.49
CA LEU B 76 -0.56 -11.43 18.60
C LEU B 76 -0.27 -12.35 19.80
N LEU B 77 0.01 -13.62 19.52
CA LEU B 77 0.02 -14.66 20.55
C LEU B 77 1.41 -15.16 20.94
N GLY B 78 2.41 -14.97 20.07
CA GLY B 78 3.78 -15.41 20.37
C GLY B 78 3.89 -16.92 20.46
N ASP B 79 4.90 -17.41 21.16
CA ASP B 79 5.04 -18.86 21.37
C ASP B 79 4.19 -19.40 22.54
N GLY B 80 3.51 -18.50 23.26
CA GLY B 80 2.60 -18.85 24.37
C GLY B 80 3.18 -18.81 25.77
N SER B 81 4.50 -18.72 25.88
CA SER B 81 5.21 -18.90 27.15
C SER B 81 4.86 -17.85 28.21
N ASN B 82 4.39 -16.67 27.77
CA ASN B 82 3.87 -15.65 28.69
C ASN B 82 2.61 -16.12 29.41
N TRP B 83 1.87 -17.05 28.79
CA TRP B 83 0.62 -17.56 29.35
C TRP B 83 0.68 -19.02 29.75
N GLY B 84 1.88 -19.58 29.85
CA GLY B 84 2.06 -20.97 30.25
C GLY B 84 1.67 -21.97 29.16
N LEU B 85 1.63 -21.49 27.93
CA LEU B 85 1.25 -22.30 26.77
C LEU B 85 2.46 -22.56 25.89
N ASP B 86 2.33 -23.55 25.02
CA ASP B 86 3.32 -23.90 24.01
C ASP B 86 2.61 -23.86 22.67
N LEU B 87 2.67 -22.71 22.01
CA LEU B 87 1.94 -22.50 20.76
C LEU B 87 2.81 -22.73 19.55
N GLN B 88 2.21 -23.31 18.51
CA GLN B 88 2.83 -23.46 17.20
C GLN B 88 1.85 -23.00 16.13
N TYR B 89 2.35 -22.80 14.91
CA TYR B 89 1.56 -22.20 13.85
C TYR B 89 1.69 -22.93 12.53
N ALA B 90 0.59 -22.98 11.77
CA ALA B 90 0.66 -23.53 10.41
C ALA B 90 -0.39 -22.89 9.54
N VAL B 91 -0.32 -23.15 8.24
CA VAL B 91 -1.14 -22.45 7.27
C VAL B 91 -2.02 -23.42 6.50
N GLN B 92 -3.22 -22.96 6.19
CA GLN B 92 -4.14 -23.65 5.29
C GLN B 92 -4.21 -22.79 4.03
N PRO B 93 -3.52 -23.22 2.95
CA PRO B 93 -3.43 -22.45 1.70
C PRO B 93 -4.76 -22.14 1.01
N SER B 94 -5.69 -23.08 1.10
CA SER B 94 -7.01 -22.93 0.50
C SER B 94 -8.04 -23.54 1.46
N PRO B 95 -9.26 -22.99 1.49
CA PRO B 95 -10.29 -23.52 2.38
C PRO B 95 -10.92 -24.81 1.83
N ASP B 96 -10.17 -25.90 1.92
CA ASP B 96 -10.59 -27.18 1.32
C ASP B 96 -11.23 -28.13 2.35
N GLY B 97 -11.67 -27.59 3.48
CA GLY B 97 -12.42 -28.36 4.48
C GLY B 97 -11.82 -28.34 5.88
N LEU B 98 -12.67 -28.47 6.89
CA LEU B 98 -12.22 -28.50 8.27
C LEU B 98 -11.35 -29.73 8.58
N ALA B 99 -11.64 -30.85 7.92
CA ALA B 99 -10.86 -32.08 8.11
C ALA B 99 -9.39 -31.91 7.74
N GLN B 100 -9.11 -30.93 6.90
CA GLN B 100 -7.75 -30.61 6.53
C GLN B 100 -6.88 -30.23 7.73
N ALA B 101 -7.51 -29.80 8.82
CA ALA B 101 -6.78 -29.49 10.06
C ALA B 101 -5.86 -30.63 10.50
N PHE B 102 -6.32 -31.87 10.33
CA PHE B 102 -5.56 -33.06 10.77
C PHE B 102 -4.45 -33.50 9.81
N LEU B 103 -4.54 -33.11 8.54
CA LEU B 103 -3.43 -33.29 7.59
C LEU B 103 -2.35 -32.25 7.84
N ILE B 104 -2.76 -30.99 7.94
CA ILE B 104 -1.84 -29.91 8.25
C ILE B 104 -1.18 -30.15 9.59
N GLY B 105 -1.98 -30.55 10.58
CA GLY B 105 -1.49 -30.79 11.94
C GLY B 105 -1.02 -32.20 12.25
N GLU B 106 -0.82 -33.04 11.23
CA GLU B 106 -0.42 -34.43 11.45
C GLU B 106 0.85 -34.56 12.31
N SER B 107 1.91 -33.88 11.91
CA SER B 107 3.19 -34.01 12.63
C SER B 107 3.08 -33.39 14.03
N PHE B 108 2.29 -32.33 14.16
CA PHE B 108 2.04 -31.69 15.46
C PHE B 108 1.37 -32.69 16.41
N ILE B 109 0.32 -33.35 15.93
CA ILE B 109 -0.43 -34.35 16.72
C ILE B 109 0.44 -35.54 17.14
N GLY B 110 1.21 -36.06 16.18
CA GLY B 110 2.05 -37.23 16.44
C GLY B 110 1.16 -38.35 16.95
N ASN B 111 1.57 -39.01 18.03
CA ASN B 111 0.86 -40.17 18.55
C ASN B 111 -0.10 -39.81 19.72
N ASP B 112 -0.42 -38.52 19.86
CA ASP B 112 -1.19 -38.03 20.99
C ASP B 112 -2.67 -37.93 20.66
N LEU B 113 -3.47 -37.71 21.70
CA LEU B 113 -4.87 -37.38 21.53
C LEU B 113 -4.95 -35.94 21.00
N SER B 114 -6.09 -35.55 20.44
CA SER B 114 -6.23 -34.21 19.89
C SER B 114 -7.60 -33.62 20.16
N ALA B 115 -7.69 -32.32 19.94
CA ALA B 115 -8.96 -31.60 20.02
C ALA B 115 -8.94 -30.46 19.04
N LEU B 116 -10.04 -30.27 18.30
CA LEU B 116 -10.14 -29.20 17.33
C LEU B 116 -11.23 -28.21 17.72
N VAL B 117 -10.91 -26.92 17.66
CA VAL B 117 -11.92 -25.88 17.83
C VAL B 117 -11.87 -24.92 16.64
N LEU B 118 -13.03 -24.43 16.24
CA LEU B 118 -13.09 -23.49 15.14
C LEU B 118 -12.81 -22.11 15.71
N GLY B 119 -12.01 -21.34 14.97
CA GLY B 119 -11.47 -20.08 15.45
C GLY B 119 -12.48 -18.95 15.62
N ASP B 120 -13.70 -19.15 15.12
CA ASP B 120 -14.77 -18.13 15.19
C ASP B 120 -15.96 -18.56 16.07
N ASN B 121 -15.75 -19.61 16.86
CA ASN B 121 -16.78 -20.14 17.75
C ASN B 121 -16.65 -19.66 19.18
N LEU B 122 -17.75 -19.12 19.73
CA LEU B 122 -17.81 -18.60 21.11
C LEU B 122 -18.76 -19.42 21.96
N TYR B 123 -18.30 -19.80 23.14
CA TYR B 123 -19.10 -20.59 24.07
C TYR B 123 -19.20 -19.89 25.41
N TYR B 124 -20.26 -20.16 26.14
CA TYR B 124 -20.39 -19.62 27.48
C TYR B 124 -21.39 -20.44 28.29
N GLY B 125 -21.05 -20.68 29.54
CA GLY B 125 -22.03 -21.16 30.48
C GLY B 125 -21.42 -21.83 31.68
N HIS B 126 -22.31 -22.25 32.57
CA HIS B 126 -21.95 -22.83 33.86
C HIS B 126 -21.44 -24.25 33.72
N ASP B 127 -20.32 -24.53 34.38
CA ASP B 127 -19.68 -25.84 34.36
C ASP B 127 -19.17 -26.25 32.96
N PHE B 128 -18.83 -25.26 32.13
CA PHE B 128 -18.25 -25.51 30.82
C PHE B 128 -16.96 -26.31 31.02
N HIS B 129 -16.25 -26.01 32.10
CA HIS B 129 -15.01 -26.68 32.45
C HIS B 129 -15.21 -28.15 32.64
N GLU B 130 -16.31 -28.54 33.28
CA GLU B 130 -16.56 -29.94 33.55
C GLU B 130 -17.12 -30.66 32.31
N LEU B 131 -17.90 -29.96 31.48
CA LEU B 131 -18.38 -30.53 30.21
C LEU B 131 -17.18 -30.88 29.32
N LEU B 132 -16.21 -29.97 29.20
CA LEU B 132 -14.95 -30.21 28.47
C LEU B 132 -14.07 -31.28 29.13
N GLY B 133 -13.85 -31.17 30.43
CA GLY B 133 -13.06 -32.14 31.17
C GLY B 133 -13.50 -33.57 30.95
N SER B 134 -14.80 -33.81 30.89
CA SER B 134 -15.35 -35.16 30.68
C SER B 134 -15.12 -35.66 29.26
N ALA B 135 -15.21 -34.75 28.30
CA ALA B 135 -14.79 -35.05 26.93
C ALA B 135 -13.29 -35.33 26.88
N SER B 136 -12.48 -34.48 27.49
CA SER B 136 -11.02 -34.68 27.48
C SER B 136 -10.61 -36.03 28.09
N GLN B 137 -11.35 -36.48 29.11
CA GLN B 137 -11.02 -37.70 29.85
C GLN B 137 -11.23 -39.01 29.07
N ARG B 138 -12.07 -38.97 28.03
CA ARG B 138 -12.30 -40.16 27.20
C ARG B 138 -11.07 -40.45 26.31
N GLN B 139 -10.26 -41.44 26.71
CA GLN B 139 -9.00 -41.79 26.01
C GLN B 139 -9.20 -42.51 24.67
N THR B 140 -10.42 -42.97 24.41
CA THR B 140 -10.76 -43.74 23.23
C THR B 140 -11.94 -43.08 22.55
N GLY B 141 -12.04 -43.25 21.23
CA GLY B 141 -13.14 -42.71 20.46
C GLY B 141 -13.08 -41.20 20.22
N ALA B 142 -14.23 -40.64 19.86
CA ALA B 142 -14.39 -39.21 19.56
C ALA B 142 -15.59 -38.65 20.32
N SER B 143 -15.46 -37.42 20.83
CA SER B 143 -16.60 -36.70 21.43
C SER B 143 -16.93 -35.39 20.69
N VAL B 144 -18.23 -35.21 20.42
CA VAL B 144 -18.75 -33.97 19.88
C VAL B 144 -19.96 -33.54 20.73
N PHE B 145 -20.42 -32.33 20.44
CA PHE B 145 -21.53 -31.71 21.15
C PHE B 145 -22.60 -31.32 20.15
N ALA B 146 -23.85 -31.61 20.54
CA ALA B 146 -25.04 -31.27 19.77
C ALA B 146 -25.81 -30.22 20.54
N TYR B 147 -26.36 -29.26 19.81
CA TYR B 147 -26.95 -28.04 20.36
C TYR B 147 -28.13 -27.65 19.52
N HIS B 148 -29.27 -27.42 20.16
CA HIS B 148 -30.47 -27.04 19.45
C HIS B 148 -30.34 -25.66 18.86
N VAL B 149 -30.59 -25.54 17.56
CA VAL B 149 -30.53 -24.24 16.83
C VAL B 149 -31.78 -24.10 15.96
N LEU B 150 -32.13 -22.86 15.61
CA LEU B 150 -33.28 -22.60 14.73
C LEU B 150 -33.00 -22.97 13.27
N ASP B 151 -31.73 -23.00 12.88
CA ASP B 151 -31.35 -23.12 11.46
C ASP B 151 -30.35 -24.26 11.26
N PRO B 152 -30.77 -25.52 11.53
CA PRO B 152 -29.80 -26.63 11.54
C PRO B 152 -29.16 -26.91 10.17
N GLU B 153 -29.86 -26.53 9.11
CA GLU B 153 -29.38 -26.72 7.72
C GLU B 153 -28.01 -26.06 7.44
N ARG B 154 -27.62 -25.11 8.28
CA ARG B 154 -26.30 -24.50 8.15
C ARG B 154 -25.15 -25.37 8.65
N TYR B 155 -25.48 -26.43 9.39
CA TYR B 155 -24.49 -27.17 10.16
C TYR B 155 -24.49 -28.68 9.87
N GLY B 156 -23.59 -29.38 10.56
CA GLY B 156 -23.64 -30.84 10.66
C GLY B 156 -24.78 -31.20 11.60
N VAL B 157 -25.70 -32.03 11.13
CA VAL B 157 -26.96 -32.27 11.80
C VAL B 157 -26.99 -33.69 12.32
N VAL B 158 -27.31 -33.85 13.61
CA VAL B 158 -27.31 -35.14 14.25
C VAL B 158 -28.74 -35.65 14.39
N GLU B 159 -28.97 -36.90 14.00
CA GLU B 159 -30.27 -37.54 14.19
C GLU B 159 -30.18 -38.55 15.32
N PHE B 160 -31.20 -38.55 16.19
CA PHE B 160 -31.31 -39.46 17.33
C PHE B 160 -32.50 -40.42 17.22
N ASP B 161 -32.34 -41.66 17.67
CA ASP B 161 -33.47 -42.59 17.78
C ASP B 161 -34.34 -42.18 18.99
N GLN B 162 -35.38 -42.95 19.27
CA GLN B 162 -36.30 -42.59 20.35
C GLN B 162 -35.63 -42.75 21.71
N GLY B 163 -34.59 -43.58 21.78
CA GLY B 163 -33.87 -43.79 23.03
C GLY B 163 -32.77 -42.77 23.31
N GLY B 164 -32.61 -41.76 22.45
CA GLY B 164 -31.59 -40.75 22.64
C GLY B 164 -30.26 -41.01 21.93
N LYS B 165 -30.14 -42.14 21.22
CA LYS B 165 -28.85 -42.48 20.57
C LYS B 165 -28.67 -41.84 19.18
N ALA B 166 -27.48 -41.28 18.95
CA ALA B 166 -27.17 -40.71 17.64
C ALA B 166 -27.13 -41.84 16.59
N ILE B 167 -27.97 -41.75 15.57
CA ILE B 167 -27.98 -42.76 14.51
C ILE B 167 -27.55 -42.25 13.13
N SER B 168 -27.50 -40.93 12.90
CA SER B 168 -26.90 -40.40 11.66
C SER B 168 -26.38 -38.97 11.78
N LEU B 169 -25.53 -38.60 10.82
CA LEU B 169 -25.07 -37.22 10.68
C LEU B 169 -25.18 -36.84 9.20
N GLU B 170 -25.75 -35.67 8.92
CA GLU B 170 -25.77 -35.11 7.58
C GLU B 170 -25.21 -33.68 7.60
N GLU B 171 -24.31 -33.41 6.68
CA GLU B 171 -23.71 -32.07 6.56
C GLU B 171 -24.59 -31.19 5.68
N LYS B 172 -25.07 -30.08 6.25
CA LYS B 172 -25.93 -29.12 5.56
C LYS B 172 -27.07 -29.76 4.75
N PRO B 173 -27.89 -30.59 5.40
CA PRO B 173 -28.96 -31.26 4.68
C PRO B 173 -30.02 -30.28 4.19
N LEU B 174 -30.59 -30.54 3.02
CA LEU B 174 -31.70 -29.72 2.50
C LEU B 174 -32.94 -29.93 3.38
N GLU B 175 -33.10 -31.16 3.90
CA GLU B 175 -34.21 -31.49 4.80
C GLU B 175 -33.67 -32.06 6.11
N PRO B 176 -33.30 -31.17 7.06
CA PRO B 176 -32.68 -31.65 8.30
C PRO B 176 -33.57 -32.61 9.12
N LYS B 177 -32.98 -33.65 9.69
CA LYS B 177 -33.71 -34.66 10.45
C LYS B 177 -34.04 -34.23 11.89
N SER B 178 -33.37 -33.19 12.38
CA SER B 178 -33.62 -32.65 13.72
C SER B 178 -33.09 -31.22 13.77
N ASN B 179 -33.36 -30.51 14.86
CA ASN B 179 -32.75 -29.18 15.07
C ASN B 179 -31.41 -29.19 15.79
N TYR B 180 -30.77 -30.36 15.90
CA TYR B 180 -29.50 -30.49 16.61
C TYR B 180 -28.28 -30.38 15.69
N ALA B 181 -27.53 -29.31 15.91
CA ALA B 181 -26.30 -29.00 15.18
C ALA B 181 -25.08 -29.46 15.97
N VAL B 182 -24.08 -29.98 15.25
CA VAL B 182 -22.81 -30.32 15.85
C VAL B 182 -21.99 -29.04 16.05
N THR B 183 -21.57 -28.77 17.28
CA THR B 183 -20.81 -27.53 17.55
C THR B 183 -19.39 -27.61 17.00
N GLY B 184 -18.67 -26.48 17.01
CA GLY B 184 -17.32 -26.41 16.44
C GLY B 184 -16.25 -26.77 17.45
N LEU B 185 -16.45 -27.88 18.13
CA LEU B 185 -15.53 -28.36 19.14
C LEU B 185 -15.54 -29.86 19.09
N TYR B 186 -14.37 -30.44 18.88
CA TYR B 186 -14.25 -31.88 18.62
C TYR B 186 -13.05 -32.48 19.35
N PHE B 187 -13.28 -33.60 20.04
CA PHE B 187 -12.24 -34.33 20.74
C PHE B 187 -12.01 -35.66 20.03
N TYR B 188 -10.75 -35.96 19.68
CA TYR B 188 -10.42 -37.20 18.97
C TYR B 188 -9.33 -37.98 19.66
N ASP B 189 -9.33 -39.28 19.42
CA ASP B 189 -8.26 -40.18 19.88
C ASP B 189 -7.22 -40.27 18.77
N GLN B 190 -6.32 -41.26 18.87
CA GLN B 190 -5.22 -41.46 17.89
C GLN B 190 -5.64 -41.96 16.50
N GLN B 191 -6.94 -42.15 16.27
CA GLN B 191 -7.44 -42.63 14.97
C GLN B 191 -7.68 -41.54 13.92
N VAL B 192 -7.77 -40.28 14.34
CA VAL B 192 -8.33 -39.26 13.47
C VAL B 192 -7.42 -38.90 12.26
N VAL B 193 -6.10 -38.85 12.46
CA VAL B 193 -5.22 -38.56 11.33
C VAL B 193 -5.42 -39.62 10.21
N ASP B 194 -5.40 -40.90 10.58
CA ASP B 194 -5.51 -41.99 9.61
C ASP B 194 -6.86 -41.99 8.91
N ILE B 195 -7.89 -41.51 9.61
CA ILE B 195 -9.21 -41.35 9.08
C ILE B 195 -9.25 -40.17 8.11
N ALA B 196 -8.61 -39.06 8.48
CA ALA B 196 -8.61 -37.86 7.65
C ALA B 196 -7.79 -38.08 6.38
N ARG B 197 -6.70 -38.82 6.47
CA ARG B 197 -5.90 -39.03 5.26
C ARG B 197 -6.56 -39.93 4.22
N ASP B 198 -7.62 -40.65 4.60
CA ASP B 198 -8.43 -41.43 3.65
C ASP B 198 -9.67 -40.70 3.11
N LEU B 199 -10.02 -39.57 3.71
CA LEU B 199 -11.15 -38.75 3.20
C LEU B 199 -10.96 -38.40 1.74
N LYS B 200 -12.06 -38.44 1.00
CA LYS B 200 -12.14 -37.91 -0.35
C LYS B 200 -12.92 -36.60 -0.27
N PRO B 201 -12.63 -35.65 -1.19
CA PRO B 201 -13.44 -34.43 -1.22
C PRO B 201 -14.93 -34.71 -1.49
N SER B 202 -15.80 -34.01 -0.78
CA SER B 202 -17.25 -34.11 -0.97
C SER B 202 -17.67 -33.48 -2.32
N PRO B 203 -18.96 -33.54 -2.68
CA PRO B 203 -19.44 -32.82 -3.88
C PRO B 203 -19.14 -31.31 -3.93
N ARG B 204 -19.22 -30.63 -2.77
CA ARG B 204 -18.85 -29.21 -2.69
C ARG B 204 -17.33 -28.97 -2.59
N GLY B 205 -16.54 -30.05 -2.60
CA GLY B 205 -15.09 -29.96 -2.80
C GLY B 205 -14.23 -29.95 -1.56
N GLU B 206 -14.79 -30.35 -0.42
CA GLU B 206 -14.09 -30.20 0.86
C GLU B 206 -13.85 -31.54 1.55
N LEU B 207 -12.80 -31.60 2.36
CA LEU B 207 -12.57 -32.71 3.26
C LEU B 207 -13.36 -32.41 4.53
N GLU B 208 -14.42 -33.18 4.72
CA GLU B 208 -15.49 -32.87 5.68
C GLU B 208 -15.21 -33.40 7.08
N ILE B 209 -15.31 -32.53 8.08
CA ILE B 209 -15.25 -32.98 9.45
C ILE B 209 -16.43 -33.93 9.73
N THR B 210 -17.56 -33.76 9.06
CA THR B 210 -18.74 -34.62 9.31
C THR B 210 -18.48 -36.07 8.84
N ASP B 211 -17.64 -36.22 7.81
CA ASP B 211 -17.16 -37.53 7.37
C ASP B 211 -16.26 -38.17 8.39
N VAL B 212 -15.39 -37.38 9.03
CA VAL B 212 -14.55 -37.89 10.10
C VAL B 212 -15.44 -38.42 11.23
N ASN B 213 -16.43 -37.62 11.60
CA ASN B 213 -17.36 -37.99 12.65
C ASN B 213 -18.23 -39.19 12.31
N ARG B 214 -18.69 -39.28 11.06
CA ARG B 214 -19.43 -40.46 10.63
C ARG B 214 -18.54 -41.71 10.70
N ALA B 215 -17.23 -41.55 10.52
CA ALA B 215 -16.30 -42.67 10.62
C ALA B 215 -16.34 -43.28 11.99
N TYR B 216 -16.29 -42.43 13.01
CA TYR B 216 -16.41 -42.90 14.38
C TYR B 216 -17.81 -43.45 14.64
N LEU B 217 -18.85 -42.78 14.13
CA LEU B 217 -20.22 -43.22 14.39
C LEU B 217 -20.49 -44.65 13.93
N GLU B 218 -19.99 -44.99 12.73
CA GLU B 218 -20.17 -46.33 12.17
C GLU B 218 -19.58 -47.44 13.07
N ARG B 219 -18.58 -47.09 13.90
CA ARG B 219 -18.01 -48.04 14.85
C ARG B 219 -18.52 -47.97 16.28
N GLY B 220 -19.55 -47.16 16.54
CA GLY B 220 -20.06 -47.01 17.89
C GLY B 220 -19.15 -46.14 18.77
N GLN B 221 -18.18 -45.45 18.15
CA GLN B 221 -17.13 -44.74 18.90
C GLN B 221 -17.28 -43.20 18.89
N LEU B 222 -18.44 -42.70 18.42
CA LEU B 222 -18.82 -41.28 18.53
C LEU B 222 -19.74 -41.02 19.72
N SER B 223 -19.21 -40.37 20.74
CA SER B 223 -20.03 -39.82 21.81
C SER B 223 -20.65 -38.50 21.33
N VAL B 224 -21.98 -38.45 21.21
CA VAL B 224 -22.68 -37.19 20.94
C VAL B 224 -23.30 -36.72 22.25
N GLU B 225 -22.66 -35.76 22.91
CA GLU B 225 -23.20 -35.21 24.15
C GLU B 225 -24.00 -33.93 23.88
N ILE B 226 -25.12 -33.78 24.59
CA ILE B 226 -25.96 -32.61 24.43
C ILE B 226 -25.34 -31.43 25.18
N MET B 227 -25.10 -30.35 24.47
CA MET B 227 -24.77 -29.08 25.08
C MET B 227 -26.14 -28.40 25.26
N GLY B 228 -26.58 -28.35 26.51
CA GLY B 228 -27.92 -27.89 26.83
C GLY B 228 -28.20 -26.42 26.57
N ARG B 229 -29.49 -26.11 26.58
CA ARG B 229 -29.99 -24.75 26.26
C ARG B 229 -29.52 -23.66 27.23
N GLY B 230 -29.05 -24.08 28.39
CA GLY B 230 -28.48 -23.17 29.37
C GLY B 230 -27.08 -22.70 29.01
N TYR B 231 -26.52 -23.31 27.98
CA TYR B 231 -25.29 -22.86 27.34
C TYR B 231 -25.56 -21.96 26.13
N ALA B 232 -24.64 -21.01 25.94
CA ALA B 232 -24.58 -20.13 24.81
C ALA B 232 -23.46 -20.56 23.88
N TRP B 233 -23.84 -21.05 22.71
CA TRP B 233 -22.95 -21.16 21.56
C TRP B 233 -23.38 -20.02 20.65
N LEU B 234 -22.56 -18.97 20.59
CA LEU B 234 -22.95 -17.77 19.84
C LEU B 234 -22.57 -17.92 18.37
N ASP B 235 -23.42 -17.33 17.54
CA ASP B 235 -23.27 -17.34 16.09
C ASP B 235 -22.36 -16.14 15.69
N THR B 236 -21.31 -16.42 14.89
CA THR B 236 -20.48 -15.36 14.28
C THR B 236 -20.47 -15.38 12.74
N GLY B 237 -21.47 -15.97 12.12
CA GLY B 237 -21.46 -16.19 10.66
C GLY B 237 -21.90 -15.01 9.80
N THR B 238 -22.61 -14.05 10.42
CA THR B 238 -23.15 -12.89 9.69
C THR B 238 -22.76 -11.58 10.39
N HIS B 239 -23.02 -10.43 9.75
CA HIS B 239 -22.74 -9.15 10.40
C HIS B 239 -23.65 -9.02 11.60
N ASP B 240 -24.88 -9.47 11.45
CA ASP B 240 -25.92 -9.34 12.49
C ASP B 240 -25.53 -10.12 13.74
N SER B 241 -25.11 -11.36 13.55
CA SER B 241 -24.77 -12.24 14.65
C SER B 241 -23.45 -11.83 15.34
N LEU B 242 -22.45 -11.38 14.57
CA LEU B 242 -21.23 -10.80 15.16
C LEU B 242 -21.54 -9.70 16.18
N LEU B 243 -22.57 -8.91 15.87
CA LEU B 243 -22.98 -7.78 16.69
C LEU B 243 -23.65 -8.27 17.97
N GLU B 244 -24.60 -9.19 17.79
CA GLU B 244 -25.25 -9.87 18.90
C GLU B 244 -24.24 -10.53 19.86
N ALA B 245 -23.12 -11.04 19.34
CA ALA B 245 -22.10 -11.67 20.17
C ALA B 245 -21.37 -10.63 21.03
N GLY B 246 -21.12 -9.46 20.43
CA GLY B 246 -20.49 -8.34 21.12
C GLY B 246 -21.34 -7.82 22.26
N GLN B 247 -22.63 -7.66 21.99
CA GLN B 247 -23.61 -7.19 22.97
CA GLN B 247 -23.61 -7.17 22.98
C GLN B 247 -23.87 -8.23 24.05
N PHE B 248 -23.75 -9.51 23.68
CA PHE B 248 -23.90 -10.61 24.64
C PHE B 248 -22.72 -10.66 25.64
N ILE B 249 -21.49 -10.62 25.14
CA ILE B 249 -20.31 -10.61 26.00
C ILE B 249 -20.30 -9.34 26.89
N ALA B 250 -20.67 -8.20 26.33
CA ALA B 250 -20.66 -6.92 27.06
C ALA B 250 -21.65 -6.89 28.23
N THR B 251 -22.85 -7.43 28.02
CA THR B 251 -23.90 -7.45 29.01
C THR B 251 -23.48 -8.37 30.18
N LEU B 252 -22.84 -9.51 29.86
CA LEU B 252 -22.32 -10.41 30.89
C LEU B 252 -21.18 -9.76 31.69
N GLU B 253 -20.23 -9.16 31.00
CA GLU B 253 -19.03 -8.61 31.64
C GLU B 253 -19.31 -7.38 32.49
N ASN B 254 -20.23 -6.54 32.02
CA ASN B 254 -20.59 -5.31 32.73
C ASN B 254 -21.51 -5.54 33.93
N ARG B 255 -22.28 -6.62 33.90
CA ARG B 255 -23.12 -7.02 35.03
C ARG B 255 -22.27 -7.64 36.15
N GLN B 256 -21.27 -8.45 35.76
CA GLN B 256 -20.53 -9.29 36.71
C GLN B 256 -19.23 -8.67 37.19
N GLY B 257 -18.64 -7.82 36.36
CA GLY B 257 -17.25 -7.40 36.54
C GLY B 257 -16.28 -8.56 36.33
N LEU B 258 -16.72 -9.58 35.61
CA LEU B 258 -15.87 -10.72 35.27
C LEU B 258 -15.89 -10.91 33.75
N LYS B 259 -14.71 -11.20 33.19
CA LYS B 259 -14.57 -11.30 31.73
C LYS B 259 -14.77 -12.72 31.26
N VAL B 260 -15.36 -12.86 30.08
CA VAL B 260 -15.44 -14.15 29.40
C VAL B 260 -14.22 -14.36 28.51
N ALA B 261 -13.56 -15.50 28.67
CA ALA B 261 -12.44 -15.91 27.81
C ALA B 261 -11.25 -14.95 27.85
N CYS B 262 -10.86 -14.56 29.06
CA CYS B 262 -9.58 -13.87 29.32
C CYS B 262 -8.49 -14.91 29.54
N PRO B 263 -7.55 -15.03 28.57
CA PRO B 263 -6.62 -16.16 28.65
C PRO B 263 -5.64 -16.04 29.79
N GLU B 264 -5.26 -14.81 30.14
CA GLU B 264 -4.34 -14.56 31.25
C GLU B 264 -4.96 -15.07 32.57
N GLU B 265 -6.26 -14.82 32.73
CA GLU B 265 -6.99 -15.27 33.90
C GLU B 265 -7.03 -16.79 33.93
N ILE B 266 -7.41 -17.40 32.81
CA ILE B 266 -7.54 -18.86 32.73
C ILE B 266 -6.22 -19.55 33.01
N ALA B 267 -5.14 -19.06 32.39
CA ALA B 267 -3.80 -19.56 32.70
C ALA B 267 -3.53 -19.48 34.20
N TYR B 268 -3.89 -18.36 34.82
CA TYR B 268 -3.65 -18.14 36.25
C TYR B 268 -4.46 -19.08 37.14
N ARG B 269 -5.71 -19.35 36.77
CA ARG B 269 -6.56 -20.26 37.54
C ARG B 269 -6.18 -21.71 37.32
N GLN B 270 -5.58 -22.03 36.17
CA GLN B 270 -5.09 -23.38 35.91
C GLN B 270 -3.74 -23.62 36.57
N LYS B 271 -3.15 -22.56 37.12
CA LYS B 271 -1.85 -22.59 37.78
C LYS B 271 -0.71 -22.74 36.77
N TRP B 272 -0.92 -22.24 35.56
CA TRP B 272 0.12 -22.30 34.52
C TRP B 272 1.03 -21.11 34.55
N ILE B 273 0.55 -20.01 35.12
CA ILE B 273 1.40 -18.87 35.44
C ILE B 273 1.13 -18.55 36.89
N ASP B 274 2.08 -17.88 37.54
CA ASP B 274 1.96 -17.55 38.97
C ASP B 274 1.63 -16.07 39.18
N ALA B 275 1.37 -15.72 40.45
CA ALA B 275 1.03 -14.36 40.86
C ALA B 275 1.99 -13.32 40.29
N ALA B 276 3.28 -13.62 40.38
CA ALA B 276 4.32 -12.75 39.86
C ALA B 276 4.17 -12.54 38.35
N GLN B 277 3.99 -13.63 37.60
CA GLN B 277 3.89 -13.55 36.13
C GLN B 277 2.62 -12.81 35.66
N LEU B 278 1.48 -13.07 36.28
CA LEU B 278 0.27 -12.28 36.01
C LEU B 278 0.45 -10.77 36.28
N GLU B 279 1.30 -10.44 37.26
CA GLU B 279 1.58 -9.04 37.59
C GLU B 279 2.33 -8.36 36.44
N LYS B 280 3.32 -9.05 35.89
CA LYS B 280 4.06 -8.55 34.75
C LYS B 280 3.15 -8.35 33.54
N LEU B 281 2.20 -9.27 33.33
CA LEU B 281 1.25 -9.17 32.21
C LEU B 281 0.30 -7.97 32.37
N ALA B 282 -0.01 -7.61 33.61
CA ALA B 282 -0.90 -6.49 33.88
C ALA B 282 -0.26 -5.13 33.57
N ALA B 283 1.08 -5.04 33.63
CA ALA B 283 1.79 -3.76 33.51
C ALA B 283 1.48 -2.99 32.24
N PRO B 284 1.70 -3.62 31.06
CA PRO B 284 1.59 -2.91 29.78
C PRO B 284 0.25 -2.22 29.57
N LEU B 285 -0.85 -2.83 30.03
CA LEU B 285 -2.16 -2.26 29.85
C LEU B 285 -2.73 -1.67 31.14
N ALA B 286 -1.83 -1.34 32.09
CA ALA B 286 -2.24 -0.79 33.39
C ALA B 286 -3.22 0.37 33.25
N LYS B 287 -3.05 1.19 32.22
CA LYS B 287 -3.87 2.39 32.04
C LYS B 287 -5.23 2.13 31.39
N ASN B 288 -5.55 0.87 31.05
CA ASN B 288 -6.89 0.58 30.53
C ASN B 288 -7.61 -0.54 31.30
N GLY B 289 -8.84 -0.81 30.90
CA GLY B 289 -9.73 -1.72 31.64
C GLY B 289 -9.22 -3.15 31.69
N TYR B 290 -8.47 -3.56 30.67
CA TYR B 290 -8.01 -4.93 30.58
C TYR B 290 -6.90 -5.15 31.58
N GLY B 291 -5.91 -4.26 31.60
CA GLY B 291 -4.84 -4.35 32.59
C GLY B 291 -5.32 -4.18 34.03
N GLN B 292 -6.29 -3.29 34.22
CA GLN B 292 -6.88 -3.08 35.54
C GLN B 292 -7.57 -4.36 36.03
N TYR B 293 -8.34 -5.00 35.13
CA TYR B 293 -8.95 -6.29 35.39
C TYR B 293 -7.93 -7.32 35.89
N LEU B 294 -6.82 -7.45 35.18
CA LEU B 294 -5.79 -8.44 35.49
C LEU B 294 -5.09 -8.18 36.82
N LYS B 295 -4.85 -6.92 37.16
CA LYS B 295 -4.28 -6.56 38.45
C LYS B 295 -5.24 -6.92 39.60
N ARG B 296 -6.53 -6.65 39.41
CA ARG B 296 -7.55 -7.00 40.42
C ARG B 296 -7.59 -8.50 40.70
N LEU B 297 -7.32 -9.33 39.69
CA LEU B 297 -7.29 -10.80 39.86
C LEU B 297 -6.27 -11.27 40.91
N LEU B 298 -5.22 -10.47 41.10
CA LEU B 298 -4.16 -10.81 42.04
C LEU B 298 -4.66 -10.86 43.50
N THR B 299 -5.63 -10.02 43.85
CA THR B 299 -6.05 -9.85 45.25
C THR B 299 -7.56 -10.02 45.47
N GLU B 300 -8.24 -10.67 44.53
CA GLU B 300 -9.65 -10.97 44.69
C GLU B 300 -9.90 -12.48 44.60
N THR B 301 -10.62 -13.01 45.59
CA THR B 301 -11.07 -14.38 45.52
C THR B 301 -12.38 -14.41 44.71
N VAL B 302 -12.34 -15.06 43.55
CA VAL B 302 -13.53 -15.26 42.71
C VAL B 302 -13.83 -16.75 42.70
N TYR B 303 -15.06 -17.12 43.08
CA TYR B 303 -15.45 -18.53 43.18
C TYR B 303 -15.99 -19.04 41.85
N LYS C 12 15.42 -19.91 11.94
CA LYS C 12 14.89 -19.12 10.79
C LYS C 12 15.66 -17.82 10.59
N ARG C 13 15.76 -17.39 9.33
CA ARG C 13 16.54 -16.21 8.97
C ARG C 13 15.65 -15.13 8.37
N LYS C 14 15.71 -13.93 8.94
CA LYS C 14 14.89 -12.80 8.52
C LYS C 14 15.71 -11.96 7.58
N GLY C 15 15.05 -11.22 6.71
CA GLY C 15 15.73 -10.33 5.80
C GLY C 15 15.48 -8.86 6.07
N ILE C 16 16.47 -8.03 5.73
CA ILE C 16 16.33 -6.59 5.77
C ILE C 16 16.87 -6.00 4.47
N ILE C 17 16.05 -5.16 3.84
CA ILE C 17 16.49 -4.39 2.69
C ILE C 17 16.58 -2.94 3.12
N LEU C 18 17.77 -2.36 3.02
CA LEU C 18 17.92 -0.93 3.26
C LEU C 18 17.76 -0.16 1.94
N ALA C 19 16.68 0.61 1.85
CA ALA C 19 16.31 1.34 0.65
C ALA C 19 16.26 2.82 1.02
N GLY C 20 17.40 3.32 1.51
CA GLY C 20 17.46 4.64 2.10
C GLY C 20 17.49 5.75 1.08
N GLY C 21 17.50 6.99 1.57
CA GLY C 21 17.59 8.16 0.70
C GLY C 21 18.93 8.18 -0.01
N SER C 22 18.92 8.47 -1.32
CA SER C 22 20.16 8.75 -2.04
C SER C 22 20.46 10.25 -1.99
N GLY C 23 19.84 10.94 -1.02
CA GLY C 23 20.03 12.36 -0.83
C GLY C 23 19.62 13.16 -2.05
N THR C 24 20.53 13.99 -2.54
CA THR C 24 20.29 14.84 -3.70
C THR C 24 21.26 14.53 -4.84
N ARG C 25 22.02 13.45 -4.69
CA ARG C 25 23.15 13.16 -5.56
C ARG C 25 22.72 12.62 -6.93
N LEU C 26 21.47 12.17 -7.05
CA LEU C 26 20.93 11.78 -8.35
C LEU C 26 19.83 12.75 -8.82
N HIS C 27 19.59 13.82 -8.07
CA HIS C 27 18.63 14.83 -8.49
C HIS C 27 19.10 15.42 -9.80
N PRO C 28 18.15 15.84 -10.66
CA PRO C 28 16.71 15.93 -10.49
C PRO C 28 15.93 14.67 -10.86
N ALA C 29 16.61 13.62 -11.32
CA ALA C 29 15.96 12.33 -11.58
C ALA C 29 15.19 11.82 -10.34
N THR C 30 15.84 11.91 -9.19
CA THR C 30 15.28 11.40 -7.96
C THR C 30 14.38 12.40 -7.20
N LEU C 31 14.17 13.59 -7.78
CA LEU C 31 13.16 14.52 -7.25
C LEU C 31 11.74 13.96 -7.38
N ALA C 32 11.47 13.29 -8.49
CA ALA C 32 10.15 12.70 -8.71
C ALA C 32 10.01 11.26 -8.23
N ILE C 33 11.11 10.50 -8.22
CA ILE C 33 11.10 9.06 -7.85
C ILE C 33 12.32 8.70 -6.99
N SER C 34 12.10 8.09 -5.83
CA SER C 34 13.23 7.65 -4.98
C SER C 34 14.10 6.65 -5.76
N LYS C 35 15.37 6.57 -5.39
CA LYS C 35 16.35 5.84 -6.18
C LYS C 35 15.93 4.40 -6.38
N GLN C 36 15.51 3.72 -5.31
CA GLN C 36 15.28 2.28 -5.39
C GLN C 36 13.91 1.96 -5.98
N LEU C 37 13.18 2.99 -6.38
CA LEU C 37 11.97 2.81 -7.18
C LEU C 37 12.18 3.01 -8.68
N LEU C 38 13.31 3.59 -9.07
CA LEU C 38 13.65 3.71 -10.49
C LEU C 38 13.84 2.31 -11.10
N PRO C 39 13.37 2.10 -12.33
CA PRO C 39 13.60 0.80 -12.95
C PRO C 39 15.05 0.58 -13.40
N VAL C 40 15.45 -0.66 -13.33
CA VAL C 40 16.58 -1.15 -14.11
C VAL C 40 16.03 -1.99 -15.24
N TYR C 41 16.14 -1.44 -16.45
CA TYR C 41 15.46 -1.95 -17.64
C TYR C 41 13.91 -1.98 -17.51
N ASP C 42 13.37 -3.05 -16.97
CA ASP C 42 11.92 -3.36 -17.06
C ASP C 42 11.22 -3.47 -15.70
N LYS C 43 11.97 -3.33 -14.62
CA LYS C 43 11.42 -3.55 -13.30
C LYS C 43 12.08 -2.63 -12.28
N PRO C 44 11.33 -2.25 -11.23
CA PRO C 44 11.92 -1.41 -10.18
C PRO C 44 13.20 -1.97 -9.58
N MET C 45 14.15 -1.10 -9.30
CA MET C 45 15.45 -1.51 -8.76
C MET C 45 15.30 -2.46 -7.59
N ILE C 46 14.34 -2.18 -6.70
CA ILE C 46 14.17 -2.95 -5.48
C ILE C 46 13.87 -4.43 -5.74
N TYR C 47 13.24 -4.73 -6.88
CA TYR C 47 13.00 -6.11 -7.28
C TYR C 47 14.27 -6.97 -7.25
N TYR C 48 15.41 -6.37 -7.56
CA TYR C 48 16.66 -7.13 -7.66
C TYR C 48 17.18 -7.64 -6.29
N PRO C 49 17.38 -6.72 -5.31
CA PRO C 49 17.71 -7.21 -3.96
C PRO C 49 16.61 -8.05 -3.29
N LEU C 50 15.36 -7.72 -3.52
CA LEU C 50 14.24 -8.53 -3.03
C LEU C 50 14.39 -9.96 -3.54
N SER C 51 14.66 -10.08 -4.83
CA SER C 51 14.78 -11.39 -5.46
C SER C 51 15.98 -12.15 -4.92
N THR C 52 17.03 -11.40 -4.57
CA THR C 52 18.25 -11.96 -3.98
C THR C 52 17.98 -12.60 -2.61
N LEU C 53 17.37 -11.84 -1.70
CA LEU C 53 16.92 -12.43 -0.43
C LEU C 53 16.01 -13.64 -0.65
N MET C 54 15.10 -13.52 -1.62
CA MET C 54 14.23 -14.65 -2.00
C MET C 54 15.00 -15.88 -2.45
N LEU C 55 16.02 -15.68 -3.28
CA LEU C 55 16.88 -16.78 -3.71
C LEU C 55 17.57 -17.46 -2.54
N ALA C 56 17.95 -16.66 -1.53
CA ALA C 56 18.56 -17.17 -0.29
C ALA C 56 17.59 -17.95 0.62
N GLY C 57 16.32 -18.07 0.20
CA GLY C 57 15.29 -18.78 0.93
C GLY C 57 14.61 -17.94 2.00
N ILE C 58 14.77 -16.62 1.95
CA ILE C 58 14.28 -15.73 3.00
C ILE C 58 12.91 -15.18 2.60
N ARG C 59 11.94 -15.30 3.49
CA ARG C 59 10.54 -14.96 3.19
C ARG C 59 10.01 -13.81 4.03
N GLU C 60 10.58 -13.62 5.21
CA GLU C 60 10.13 -12.57 6.09
C GLU C 60 11.16 -11.48 6.02
N ILE C 61 10.74 -10.32 5.52
CA ILE C 61 11.65 -9.24 5.12
C ILE C 61 11.16 -7.85 5.55
N LEU C 62 12.04 -7.08 6.20
CA LEU C 62 11.77 -5.70 6.58
C LEU C 62 12.40 -4.74 5.57
N ILE C 63 11.58 -3.83 5.03
CA ILE C 63 12.05 -2.78 4.14
C ILE C 63 12.15 -1.47 4.91
N ILE C 64 13.36 -0.93 4.96
CA ILE C 64 13.65 0.31 5.64
C ILE C 64 13.89 1.38 4.58
N SER C 65 13.16 2.48 4.70
CA SER C 65 13.31 3.60 3.80
C SER C 65 12.87 4.86 4.52
N THR C 66 12.95 6.01 3.85
CA THR C 66 12.57 7.27 4.49
C THR C 66 11.04 7.32 4.76
N PRO C 67 10.59 8.24 5.62
CA PRO C 67 9.15 8.41 5.81
C PRO C 67 8.40 8.68 4.50
N GLN C 68 8.98 9.50 3.64
CA GLN C 68 8.33 9.87 2.37
C GLN C 68 8.26 8.66 1.44
N ASP C 69 9.33 7.86 1.43
CA ASP C 69 9.45 6.75 0.49
C ASP C 69 8.64 5.54 0.94
N THR C 70 8.44 5.39 2.24
CA THR C 70 7.85 4.18 2.79
C THR C 70 6.53 3.83 2.09
N PRO C 71 5.59 4.79 2.01
CA PRO C 71 4.31 4.46 1.37
C PRO C 71 4.39 4.10 -0.12
N ARG C 72 5.42 4.60 -0.82
CA ARG C 72 5.63 4.30 -2.22
C ARG C 72 6.10 2.85 -2.42
N PHE C 73 6.98 2.39 -1.55
CA PHE C 73 7.39 0.97 -1.56
C PHE C 73 6.20 0.07 -1.22
N GLN C 74 5.42 0.51 -0.24
CA GLN C 74 4.23 -0.21 0.19
C GLN C 74 3.18 -0.34 -0.91
N GLN C 75 3.00 0.71 -1.70
CA GLN C 75 2.10 0.66 -2.85
C GLN C 75 2.61 -0.31 -3.91
N LEU C 76 3.94 -0.35 -4.10
CA LEU C 76 4.53 -1.28 -5.05
C LEU C 76 4.38 -2.72 -4.60
N LEU C 77 4.77 -3.00 -3.36
CA LEU C 77 4.99 -4.36 -2.91
C LEU C 77 3.93 -4.94 -1.97
N GLY C 78 3.17 -4.09 -1.27
CA GLY C 78 2.20 -4.60 -0.31
C GLY C 78 2.85 -5.36 0.83
N ASP C 79 2.12 -6.32 1.39
CA ASP C 79 2.63 -7.15 2.49
C ASP C 79 3.38 -8.38 2.00
N GLY C 80 3.53 -8.54 0.69
CA GLY C 80 4.30 -9.68 0.12
C GLY C 80 3.54 -11.00 0.04
N SER C 81 2.35 -11.06 0.63
CA SER C 81 1.60 -12.33 0.71
C SER C 81 1.21 -12.91 -0.66
N ASN C 82 0.97 -12.07 -1.65
CA ASN C 82 0.81 -12.51 -3.05
C ASN C 82 1.99 -13.30 -3.63
N TRP C 83 3.17 -13.14 -3.04
CA TRP C 83 4.41 -13.82 -3.49
C TRP C 83 4.91 -14.82 -2.44
N GLY C 84 4.06 -15.14 -1.46
CA GLY C 84 4.42 -16.03 -0.37
C GLY C 84 5.45 -15.46 0.60
N LEU C 85 5.50 -14.13 0.68
CA LEU C 85 6.39 -13.42 1.59
C LEU C 85 5.60 -12.73 2.68
N ASP C 86 6.33 -12.26 3.69
CA ASP C 86 5.80 -11.44 4.77
C ASP C 86 6.70 -10.21 4.82
N LEU C 87 6.25 -9.15 4.16
CA LEU C 87 7.02 -7.91 4.09
C LEU C 87 6.49 -6.95 5.14
N GLN C 88 7.41 -6.38 5.91
CA GLN C 88 7.10 -5.36 6.91
C GLN C 88 7.95 -4.13 6.59
N TYR C 89 7.61 -3.01 7.19
CA TYR C 89 8.22 -1.73 6.85
C TYR C 89 8.58 -0.97 8.11
N ALA C 90 9.71 -0.28 8.07
CA ALA C 90 10.06 0.65 9.13
C ALA C 90 10.68 1.87 8.47
N VAL C 91 10.63 3.01 9.16
CA VAL C 91 11.14 4.26 8.60
C VAL C 91 12.54 4.55 9.13
N GLN C 92 13.37 5.18 8.32
CA GLN C 92 14.65 5.71 8.79
C GLN C 92 14.58 7.23 8.65
N PRO C 93 14.38 7.94 9.78
CA PRO C 93 14.28 9.40 9.79
C PRO C 93 15.51 10.13 9.28
N SER C 94 16.69 9.56 9.49
CA SER C 94 17.95 10.23 9.18
C SER C 94 18.92 9.20 8.59
N PRO C 95 19.71 9.58 7.57
CA PRO C 95 20.69 8.64 7.00
C PRO C 95 21.95 8.44 7.87
N ASP C 96 21.76 7.92 9.09
CA ASP C 96 22.82 7.79 10.08
C ASP C 96 23.66 6.50 9.95
N GLY C 97 23.67 5.89 8.77
CA GLY C 97 24.54 4.74 8.50
C GLY C 97 23.78 3.45 8.29
N LEU C 98 24.39 2.53 7.54
CA LEU C 98 23.76 1.25 7.18
C LEU C 98 23.57 0.34 8.41
N ALA C 99 24.46 0.45 9.41
CA ALA C 99 24.38 -0.38 10.63
C ALA C 99 23.22 0.01 11.57
N GLN C 100 22.61 1.16 11.32
CA GLN C 100 21.36 1.56 11.98
C GLN C 100 20.21 0.58 11.66
N ALA C 101 20.33 -0.10 10.52
CA ALA C 101 19.40 -1.17 10.15
C ALA C 101 19.06 -2.13 11.31
N PHE C 102 20.05 -2.40 12.17
CA PHE C 102 19.88 -3.36 13.29
C PHE C 102 19.20 -2.78 14.53
N LEU C 103 19.27 -1.46 14.72
CA LEU C 103 18.52 -0.79 15.78
C LEU C 103 17.07 -0.57 15.34
N ILE C 104 16.89 0.02 14.16
CA ILE C 104 15.56 0.14 13.57
C ILE C 104 14.85 -1.21 13.52
N GLY C 105 15.59 -2.24 13.08
CA GLY C 105 15.02 -3.55 12.86
C GLY C 105 15.13 -4.48 14.05
N GLU C 106 15.52 -3.96 15.21
CA GLU C 106 15.79 -4.81 16.38
C GLU C 106 14.60 -5.68 16.74
N SER C 107 13.41 -5.11 16.84
CA SER C 107 12.23 -5.89 17.22
C SER C 107 11.84 -6.87 16.11
N PHE C 108 12.05 -6.47 14.85
CA PHE C 108 11.80 -7.34 13.70
C PHE C 108 12.72 -8.57 13.75
N ILE C 109 14.00 -8.38 14.06
CA ILE C 109 14.96 -9.50 14.12
C ILE C 109 14.63 -10.46 15.26
N GLY C 110 14.38 -9.89 16.45
CA GLY C 110 14.06 -10.69 17.63
C GLY C 110 15.24 -11.58 17.98
N ASN C 111 14.98 -12.88 18.14
CA ASN C 111 16.06 -13.84 18.46
C ASN C 111 16.56 -14.62 17.23
N ASP C 112 16.22 -14.16 16.03
CA ASP C 112 16.46 -14.94 14.82
C ASP C 112 17.76 -14.55 14.13
N LEU C 113 18.13 -15.36 13.13
CA LEU C 113 19.23 -15.04 12.21
C LEU C 113 18.75 -13.97 11.25
N SER C 114 19.69 -13.33 10.55
CA SER C 114 19.30 -12.26 9.66
C SER C 114 20.20 -12.19 8.44
N ALA C 115 19.75 -11.41 7.46
CA ALA C 115 20.50 -11.07 6.28
C ALA C 115 20.14 -9.63 5.91
N LEU C 116 21.15 -8.83 5.58
CA LEU C 116 20.99 -7.45 5.16
C LEU C 116 21.48 -7.28 3.72
N VAL C 117 20.70 -6.58 2.89
CA VAL C 117 21.06 -6.31 1.49
C VAL C 117 20.76 -4.85 1.15
N LEU C 118 21.67 -4.19 0.44
CA LEU C 118 21.42 -2.82 0.00
C LEU C 118 20.35 -2.80 -1.09
N GLY C 119 19.40 -1.87 -0.98
CA GLY C 119 18.32 -1.76 -1.97
C GLY C 119 18.76 -1.50 -3.42
N ASP C 120 20.01 -1.09 -3.61
CA ASP C 120 20.50 -0.75 -4.95
C ASP C 120 21.58 -1.70 -5.49
N ASN C 121 21.75 -2.86 -4.87
CA ASN C 121 22.73 -3.82 -5.37
C ASN C 121 22.07 -4.83 -6.30
N LEU C 122 22.63 -5.00 -7.49
CA LEU C 122 22.14 -6.01 -8.46
C LEU C 122 23.20 -7.09 -8.60
N TYR C 123 22.78 -8.34 -8.51
CA TYR C 123 23.69 -9.48 -8.71
C TYR C 123 23.15 -10.41 -9.77
N TYR C 124 24.07 -11.09 -10.45
CA TYR C 124 23.68 -12.04 -11.47
C TYR C 124 24.78 -13.10 -11.64
N GLY C 125 24.39 -14.36 -11.81
CA GLY C 125 25.34 -15.38 -12.23
C GLY C 125 24.93 -16.79 -11.89
N HIS C 126 25.73 -17.74 -12.39
CA HIS C 126 25.45 -19.15 -12.30
C HIS C 126 25.62 -19.64 -10.90
N ASP C 127 24.66 -20.45 -10.44
CA ASP C 127 24.69 -21.04 -9.10
C ASP C 127 24.73 -19.99 -7.98
N PHE C 128 24.14 -18.82 -8.24
CA PHE C 128 24.04 -17.78 -7.21
C PHE C 128 23.22 -18.33 -6.05
N HIS C 129 22.21 -19.12 -6.38
CA HIS C 129 21.41 -19.84 -5.41
C HIS C 129 22.27 -20.63 -4.44
N GLU C 130 23.27 -21.36 -4.95
CA GLU C 130 24.15 -22.19 -4.12
C GLU C 130 25.14 -21.37 -3.29
N LEU C 131 25.69 -20.31 -3.88
CA LEU C 131 26.55 -19.36 -3.16
C LEU C 131 25.86 -18.80 -1.90
N LEU C 132 24.60 -18.39 -2.07
CA LEU C 132 23.81 -17.84 -0.97
C LEU C 132 23.42 -18.90 0.06
N GLY C 133 23.04 -20.08 -0.42
CA GLY C 133 22.67 -21.20 0.43
C GLY C 133 23.74 -21.56 1.46
N SER C 134 25.00 -21.56 1.04
CA SER C 134 26.12 -21.85 1.96
C SER C 134 26.30 -20.79 3.04
N ALA C 135 26.06 -19.52 2.70
CA ALA C 135 26.03 -18.46 3.68
C ALA C 135 24.81 -18.65 4.58
N SER C 136 23.65 -18.85 3.95
CA SER C 136 22.38 -19.01 4.67
C SER C 136 22.40 -20.20 5.62
N GLN C 137 23.10 -21.27 5.25
CA GLN C 137 23.07 -22.53 6.02
C GLN C 137 23.75 -22.42 7.38
N ARG C 138 24.81 -21.62 7.48
CA ARG C 138 25.56 -21.45 8.71
C ARG C 138 24.74 -20.75 9.78
N GLN C 139 24.54 -21.43 10.91
CA GLN C 139 23.66 -20.94 11.96
C GLN C 139 24.44 -20.07 12.96
N THR C 140 25.76 -19.99 12.80
CA THR C 140 26.62 -19.21 13.70
C THR C 140 27.62 -18.37 12.93
N GLY C 141 27.96 -17.22 13.52
CA GLY C 141 28.90 -16.29 12.95
C GLY C 141 28.26 -15.42 11.88
N ALA C 142 29.09 -14.67 11.16
CA ALA C 142 28.64 -13.87 10.01
C ALA C 142 29.26 -14.36 8.70
N SER C 143 28.57 -14.12 7.58
CA SER C 143 29.14 -14.38 6.25
C SER C 143 28.99 -13.16 5.35
N VAL C 144 30.07 -12.80 4.68
CA VAL C 144 30.09 -11.73 3.70
C VAL C 144 30.78 -12.23 2.41
N PHE C 145 30.63 -11.46 1.34
CA PHE C 145 31.19 -11.80 0.03
C PHE C 145 32.14 -10.74 -0.46
N ALA C 146 33.26 -11.19 -1.01
CA ALA C 146 34.30 -10.33 -1.51
C ALA C 146 34.35 -10.44 -3.03
N TYR C 147 34.43 -9.31 -3.71
CA TYR C 147 34.34 -9.24 -5.16
C TYR C 147 35.37 -8.29 -5.72
N HIS C 148 36.12 -8.78 -6.70
CA HIS C 148 37.20 -7.99 -7.28
C HIS C 148 36.62 -6.82 -8.06
N VAL C 149 37.04 -5.61 -7.72
CA VAL C 149 36.59 -4.41 -8.43
C VAL C 149 37.76 -3.52 -8.85
N LEU C 150 37.48 -2.60 -9.78
CA LEU C 150 38.48 -1.66 -10.28
C LEU C 150 38.74 -0.54 -9.29
N ASP C 151 37.70 -0.21 -8.53
CA ASP C 151 37.68 0.98 -7.67
C ASP C 151 37.34 0.62 -6.21
N PRO C 152 38.23 -0.15 -5.56
CA PRO C 152 37.94 -0.62 -4.22
C PRO C 152 37.77 0.49 -3.16
N GLU C 153 38.38 1.67 -3.40
CA GLU C 153 38.20 2.93 -2.63
C GLU C 153 36.75 3.23 -2.23
N ARG C 154 35.79 2.85 -3.08
CA ARG C 154 34.40 3.17 -2.85
C ARG C 154 33.71 2.26 -1.85
N TYR C 155 34.35 1.17 -1.46
CA TYR C 155 33.70 0.13 -0.70
C TYR C 155 34.41 -0.22 0.60
N GLY C 156 33.79 -1.12 1.34
CA GLY C 156 34.49 -1.89 2.37
C GLY C 156 35.49 -2.77 1.64
N VAL C 157 36.74 -2.79 2.10
CA VAL C 157 37.81 -3.52 1.44
C VAL C 157 38.31 -4.59 2.41
N VAL C 158 38.43 -5.82 1.91
CA VAL C 158 38.98 -6.91 2.68
C VAL C 158 40.39 -7.24 2.18
N GLU C 159 41.29 -7.48 3.13
CA GLU C 159 42.66 -7.88 2.88
C GLU C 159 42.84 -9.33 3.33
N PHE C 160 43.51 -10.11 2.49
CA PHE C 160 43.79 -11.51 2.79
C PHE C 160 45.29 -11.75 3.00
N ASP C 161 45.64 -12.68 3.89
CA ASP C 161 47.06 -13.12 4.01
C ASP C 161 47.38 -14.10 2.88
N GLN C 162 48.60 -14.63 2.87
CA GLN C 162 49.02 -15.53 1.78
C GLN C 162 48.21 -16.82 1.67
N GLY C 163 47.58 -17.25 2.77
CA GLY C 163 46.75 -18.44 2.77
C GLY C 163 45.28 -18.24 2.41
N GLY C 164 44.92 -17.01 2.02
CA GLY C 164 43.55 -16.68 1.67
C GLY C 164 42.65 -16.32 2.85
N LYS C 165 43.23 -16.20 4.05
CA LYS C 165 42.47 -15.85 5.25
C LYS C 165 42.33 -14.31 5.39
N ALA C 166 41.12 -13.84 5.68
CA ALA C 166 40.86 -12.40 5.87
C ALA C 166 41.58 -11.91 7.12
N ILE C 167 42.36 -10.84 7.00
CA ILE C 167 43.14 -10.30 8.13
C ILE C 167 42.81 -8.85 8.51
N SER C 168 42.16 -8.10 7.62
CA SER C 168 41.71 -6.75 7.94
C SER C 168 40.54 -6.31 7.06
N LEU C 169 39.72 -5.43 7.62
CA LEU C 169 38.67 -4.74 6.90
C LEU C 169 38.87 -3.23 7.05
N GLU C 170 38.64 -2.48 5.97
CA GLU C 170 38.72 -1.02 6.02
C GLU C 170 37.54 -0.44 5.24
N GLU C 171 36.91 0.60 5.77
CA GLU C 171 35.81 1.27 5.10
C GLU C 171 36.33 2.42 4.24
N LYS C 172 36.11 2.28 2.93
CA LYS C 172 36.46 3.29 1.93
C LYS C 172 37.89 3.81 2.08
N PRO C 173 38.86 2.90 2.12
CA PRO C 173 40.24 3.35 2.34
C PRO C 173 40.78 4.12 1.14
N LEU C 174 41.46 5.22 1.42
CA LEU C 174 42.09 6.00 0.38
C LEU C 174 43.21 5.18 -0.24
N GLU C 175 43.84 4.30 0.53
CA GLU C 175 44.87 3.40 0.03
C GLU C 175 44.50 1.95 0.34
N PRO C 176 43.68 1.36 -0.55
CA PRO C 176 43.15 0.03 -0.32
C PRO C 176 44.23 -1.02 -0.28
N LYS C 177 44.12 -1.96 0.65
CA LYS C 177 45.11 -3.02 0.75
C LYS C 177 44.92 -4.12 -0.31
N SER C 178 43.75 -4.15 -0.95
CA SER C 178 43.46 -5.08 -2.04
C SER C 178 42.38 -4.50 -2.95
N ASN C 179 42.10 -5.22 -4.03
CA ASN C 179 40.98 -4.90 -4.92
C ASN C 179 39.68 -5.67 -4.58
N TYR C 180 39.65 -6.34 -3.41
CA TYR C 180 38.46 -7.08 -2.97
C TYR C 180 37.53 -6.24 -2.12
N ALA C 181 36.41 -5.82 -2.75
CA ALA C 181 35.34 -5.11 -2.06
C ALA C 181 34.35 -6.07 -1.41
N VAL C 182 33.83 -5.64 -0.27
CA VAL C 182 32.80 -6.37 0.45
C VAL C 182 31.44 -5.96 -0.13
N THR C 183 30.75 -6.89 -0.78
CA THR C 183 29.48 -6.56 -1.42
C THR C 183 28.46 -6.20 -0.34
N GLY C 184 27.36 -5.57 -0.74
CA GLY C 184 26.30 -5.14 0.19
C GLY C 184 25.24 -6.20 0.43
N LEU C 185 25.70 -7.41 0.71
CA LEU C 185 24.85 -8.55 1.03
C LEU C 185 25.52 -9.25 2.19
N TYR C 186 24.87 -9.23 3.35
CA TYR C 186 25.49 -9.73 4.57
C TYR C 186 24.57 -10.70 5.32
N PHE C 187 25.15 -11.76 5.88
CA PHE C 187 24.44 -12.76 6.68
C PHE C 187 24.94 -12.74 8.14
N TYR C 188 23.99 -12.72 9.09
CA TYR C 188 24.31 -12.53 10.50
C TYR C 188 23.61 -13.53 11.43
N ASP C 189 24.29 -13.92 12.49
CA ASP C 189 23.68 -14.69 13.56
C ASP C 189 22.99 -13.75 14.56
N GLN C 190 22.55 -14.32 15.68
CA GLN C 190 21.83 -13.57 16.71
C GLN C 190 22.70 -12.57 17.49
N GLN C 191 23.99 -12.47 17.17
CA GLN C 191 24.88 -11.55 17.91
C GLN C 191 24.89 -10.13 17.34
N VAL C 192 24.30 -9.93 16.16
CA VAL C 192 24.49 -8.71 15.40
C VAL C 192 23.87 -7.46 16.03
N VAL C 193 22.67 -7.60 16.61
CA VAL C 193 22.01 -6.48 17.25
C VAL C 193 22.85 -5.93 18.40
N ASP C 194 23.35 -6.83 19.25
CA ASP C 194 24.18 -6.45 20.39
C ASP C 194 25.50 -5.78 19.98
N ILE C 195 26.13 -6.30 18.91
CA ILE C 195 27.34 -5.67 18.35
C ILE C 195 27.02 -4.27 17.81
N ALA C 196 25.84 -4.08 17.25
CA ALA C 196 25.44 -2.78 16.68
C ALA C 196 25.04 -1.77 17.75
N ARG C 197 24.52 -2.23 18.88
CA ARG C 197 24.22 -1.31 20.00
C ARG C 197 25.51 -0.66 20.56
N ASP C 198 26.62 -1.37 20.45
CA ASP C 198 27.93 -0.87 20.90
C ASP C 198 28.62 0.11 19.94
N LEU C 199 28.10 0.25 18.72
CA LEU C 199 28.77 1.07 17.70
C LEU C 199 28.70 2.58 17.98
N LYS C 200 29.87 3.22 18.02
CA LYS C 200 29.94 4.68 18.05
C LYS C 200 29.85 5.20 16.61
N PRO C 201 29.23 6.39 16.41
CA PRO C 201 29.27 6.99 15.07
C PRO C 201 30.70 7.23 14.60
N SER C 202 30.96 6.98 13.32
CA SER C 202 32.29 7.18 12.74
C SER C 202 32.59 8.68 12.57
N PRO C 203 33.84 9.04 12.22
CA PRO C 203 34.18 10.40 11.81
C PRO C 203 33.27 10.98 10.71
N ARG C 204 32.64 10.09 9.95
CA ARG C 204 31.68 10.47 8.91
C ARG C 204 30.30 10.82 9.50
N GLY C 205 30.05 10.38 10.74
CA GLY C 205 28.78 10.62 11.44
C GLY C 205 27.82 9.45 11.40
N GLU C 206 28.34 8.25 11.10
CA GLU C 206 27.50 7.11 10.76
C GLU C 206 27.86 5.80 11.48
N LEU C 207 26.85 4.94 11.60
CA LEU C 207 27.01 3.59 12.13
C LEU C 207 27.43 2.69 10.97
N GLU C 208 28.66 2.17 11.05
CA GLU C 208 29.32 1.54 9.89
C GLU C 208 29.16 0.01 9.88
N ILE C 209 28.76 -0.54 8.74
CA ILE C 209 28.66 -1.99 8.61
C ILE C 209 30.05 -2.68 8.71
N THR C 210 31.09 -2.00 8.25
CA THR C 210 32.45 -2.54 8.36
C THR C 210 32.86 -2.75 9.83
N ASP C 211 32.41 -1.86 10.71
CA ASP C 211 32.65 -2.01 12.15
C ASP C 211 31.97 -3.25 12.72
N VAL C 212 30.75 -3.55 12.26
CA VAL C 212 30.04 -4.79 12.62
C VAL C 212 30.86 -6.00 12.18
N ASN C 213 31.30 -5.94 10.93
CA ASN C 213 31.99 -7.06 10.31
C ASN C 213 33.34 -7.30 10.94
N ARG C 214 34.02 -6.22 11.32
CA ARG C 214 35.30 -6.33 12.02
C ARG C 214 35.15 -6.94 13.44
N ALA C 215 34.04 -6.67 14.11
CA ALA C 215 33.77 -7.30 15.41
C ALA C 215 33.62 -8.84 15.28
N TYR C 216 32.99 -9.33 14.22
CA TYR C 216 32.97 -10.78 13.98
C TYR C 216 34.36 -11.29 13.61
N LEU C 217 35.07 -10.54 12.78
CA LEU C 217 36.44 -10.88 12.40
C LEU C 217 37.34 -11.03 13.64
N GLU C 218 37.26 -10.06 14.56
CA GLU C 218 38.09 -10.04 15.78
C GLU C 218 37.79 -11.24 16.68
N ARG C 219 36.62 -11.83 16.48
CA ARG C 219 36.08 -12.91 17.27
C ARG C 219 36.32 -14.28 16.64
N GLY C 220 36.93 -14.30 15.46
CA GLY C 220 37.10 -15.56 14.71
C GLY C 220 35.81 -16.09 14.11
N GLN C 221 34.84 -15.21 13.87
CA GLN C 221 33.52 -15.67 13.43
C GLN C 221 33.03 -15.05 12.12
N LEU C 222 33.95 -14.51 11.32
CA LEU C 222 33.59 -13.95 10.03
C LEU C 222 34.05 -14.92 8.95
N SER C 223 33.10 -15.34 8.12
CA SER C 223 33.44 -16.06 6.92
C SER C 223 33.44 -15.05 5.75
N VAL C 224 34.53 -15.01 4.98
CA VAL C 224 34.57 -14.24 3.73
C VAL C 224 34.63 -15.20 2.56
N GLU C 225 33.56 -15.25 1.79
CA GLU C 225 33.51 -16.09 0.60
C GLU C 225 33.77 -15.25 -0.64
N ILE C 226 34.52 -15.80 -1.58
CA ILE C 226 34.78 -15.06 -2.80
C ILE C 226 33.53 -15.19 -3.69
N MET C 227 33.02 -14.06 -4.16
CA MET C 227 32.07 -14.00 -5.27
C MET C 227 32.96 -13.84 -6.50
N GLY C 228 33.06 -14.89 -7.30
CA GLY C 228 34.03 -14.96 -8.42
C GLY C 228 33.72 -14.09 -9.63
N ARG C 229 34.68 -14.01 -10.54
CA ARG C 229 34.62 -13.09 -11.67
C ARG C 229 33.50 -13.39 -12.66
N GLY C 230 33.02 -14.64 -12.66
CA GLY C 230 31.87 -15.01 -13.46
C GLY C 230 30.53 -14.47 -12.98
N TYR C 231 30.50 -13.88 -11.78
CA TYR C 231 29.31 -13.19 -11.28
C TYR C 231 29.39 -11.75 -11.69
N ALA C 232 28.23 -11.14 -11.92
CA ALA C 232 28.15 -9.72 -12.15
C ALA C 232 27.54 -9.08 -10.91
N TRP C 233 28.30 -8.21 -10.27
CA TRP C 233 27.77 -7.29 -9.25
C TRP C 233 27.78 -5.91 -9.87
N LEU C 234 26.60 -5.45 -10.27
CA LEU C 234 26.47 -4.17 -10.98
C LEU C 234 26.37 -2.97 -10.03
N ASP C 235 26.97 -1.88 -10.50
CA ASP C 235 26.98 -0.57 -9.84
C ASP C 235 25.72 0.21 -10.22
N THR C 236 24.93 0.66 -9.26
CA THR C 236 23.85 1.60 -9.55
C THR C 236 24.12 2.98 -8.89
N GLY C 237 25.38 3.32 -8.70
CA GLY C 237 25.78 4.55 -7.98
C GLY C 237 25.57 5.89 -8.70
N THR C 238 25.64 5.86 -10.02
CA THR C 238 25.59 7.06 -10.84
C THR C 238 24.53 6.92 -11.95
N HIS C 239 24.15 8.05 -12.55
CA HIS C 239 23.30 8.01 -13.75
C HIS C 239 23.93 7.11 -14.78
N ASP C 240 25.23 7.23 -14.95
CA ASP C 240 25.95 6.41 -15.95
C ASP C 240 25.88 4.93 -15.66
N SER C 241 26.17 4.56 -14.42
CA SER C 241 26.18 3.15 -14.05
C SER C 241 24.77 2.57 -14.06
N LEU C 242 23.76 3.40 -13.80
CA LEU C 242 22.38 2.92 -13.85
C LEU C 242 22.01 2.56 -15.27
N LEU C 243 22.51 3.34 -16.21
CA LEU C 243 22.30 3.09 -17.63
C LEU C 243 23.03 1.79 -18.05
N GLU C 244 24.23 1.59 -17.53
CA GLU C 244 24.96 0.37 -17.83
C GLU C 244 24.23 -0.86 -17.32
N ALA C 245 23.61 -0.73 -16.15
CA ALA C 245 22.94 -1.86 -15.52
C ALA C 245 21.69 -2.26 -16.30
N GLY C 246 20.95 -1.25 -16.76
CA GLY C 246 19.81 -1.43 -17.67
C GLY C 246 20.16 -2.18 -18.95
N GLN C 247 21.25 -1.75 -19.59
CA GLN C 247 21.75 -2.34 -20.82
CA GLN C 247 21.71 -2.35 -20.84
C GLN C 247 22.11 -3.81 -20.64
N PHE C 248 22.81 -4.09 -19.54
CA PHE C 248 23.23 -5.41 -19.13
C PHE C 248 22.03 -6.38 -18.95
N ILE C 249 21.06 -5.97 -18.13
CA ILE C 249 19.87 -6.77 -17.95
C ILE C 249 19.12 -6.96 -19.29
N ALA C 250 18.95 -5.88 -20.06
CA ALA C 250 18.30 -5.95 -21.38
C ALA C 250 18.95 -6.99 -22.29
N THR C 251 20.27 -6.99 -22.30
CA THR C 251 21.00 -7.88 -23.20
C THR C 251 20.81 -9.33 -22.80
N LEU C 252 20.88 -9.61 -21.49
CA LEU C 252 20.63 -10.98 -20.98
C LEU C 252 19.20 -11.44 -21.28
N GLU C 253 18.21 -10.61 -20.94
CA GLU C 253 16.83 -11.01 -21.07
C GLU C 253 16.41 -11.20 -22.52
N ASN C 254 16.72 -10.25 -23.39
CA ASN C 254 16.38 -10.38 -24.82
C ASN C 254 17.11 -11.52 -25.50
N ARG C 255 18.26 -11.89 -24.95
CA ARG C 255 19.00 -13.03 -25.46
C ARG C 255 18.28 -14.34 -25.09
N GLN C 256 17.91 -14.45 -23.82
CA GLN C 256 17.52 -15.70 -23.23
C GLN C 256 16.01 -15.93 -23.32
N GLY C 257 15.26 -14.83 -23.29
CA GLY C 257 13.82 -14.94 -23.08
C GLY C 257 13.52 -15.42 -21.67
N LEU C 258 14.46 -15.18 -20.74
CA LEU C 258 14.28 -15.40 -19.30
C LEU C 258 14.54 -14.06 -18.61
N LYS C 259 13.88 -13.81 -17.49
CA LYS C 259 14.08 -12.55 -16.75
C LYS C 259 15.01 -12.74 -15.56
N VAL C 260 15.79 -11.69 -15.27
CA VAL C 260 16.54 -11.61 -14.02
C VAL C 260 15.68 -10.93 -12.95
N ALA C 261 15.58 -11.59 -11.81
CA ALA C 261 14.98 -11.02 -10.60
C ALA C 261 13.51 -10.67 -10.80
N CYS C 262 12.78 -11.65 -11.34
CA CYS C 262 11.32 -11.61 -11.38
C CYS C 262 10.82 -12.30 -10.09
N PRO C 263 10.27 -11.52 -9.12
CA PRO C 263 9.90 -12.17 -7.82
C PRO C 263 8.82 -13.26 -7.94
N GLU C 264 7.84 -13.04 -8.81
CA GLU C 264 6.79 -14.02 -9.04
C GLU C 264 7.39 -15.37 -9.45
N GLU C 265 8.37 -15.33 -10.37
CA GLU C 265 9.06 -16.54 -10.81
C GLU C 265 9.81 -17.18 -9.66
N ILE C 266 10.58 -16.39 -8.91
CA ILE C 266 11.37 -16.96 -7.84
C ILE C 266 10.45 -17.61 -6.79
N ALA C 267 9.36 -16.94 -6.42
CA ALA C 267 8.40 -17.53 -5.48
C ALA C 267 7.83 -18.88 -6.00
N TYR C 268 7.46 -18.91 -7.27
CA TYR C 268 6.93 -20.12 -7.94
C TYR C 268 7.94 -21.27 -7.90
N ARG C 269 9.18 -20.97 -8.25
CA ARG C 269 10.24 -22.00 -8.25
C ARG C 269 10.66 -22.43 -6.86
N GLN C 270 10.51 -21.55 -5.87
CA GLN C 270 10.76 -21.89 -4.47
C GLN C 270 9.56 -22.63 -3.85
N LYS C 271 8.49 -22.79 -4.61
CA LYS C 271 7.25 -23.48 -4.17
C LYS C 271 6.49 -22.70 -3.08
N TRP C 272 6.73 -21.39 -3.00
CA TRP C 272 6.00 -20.51 -2.08
C TRP C 272 4.64 -20.09 -2.62
N ILE C 273 4.47 -20.13 -3.94
CA ILE C 273 3.16 -20.01 -4.55
C ILE C 273 2.96 -21.14 -5.56
N ASP C 274 1.71 -21.44 -5.90
CA ASP C 274 1.44 -22.52 -6.85
C ASP C 274 1.01 -22.01 -8.23
N ALA C 275 0.87 -22.93 -9.17
CA ALA C 275 0.52 -22.57 -10.55
C ALA C 275 -0.74 -21.67 -10.62
N ALA C 276 -1.73 -21.98 -9.78
CA ALA C 276 -2.98 -21.20 -9.73
C ALA C 276 -2.74 -19.76 -9.29
N GLN C 277 -1.90 -19.59 -8.26
CA GLN C 277 -1.58 -18.25 -7.78
C GLN C 277 -0.74 -17.47 -8.80
N LEU C 278 0.21 -18.14 -9.45
CA LEU C 278 1.00 -17.50 -10.50
C LEU C 278 0.15 -17.02 -11.67
N GLU C 279 -0.88 -17.79 -12.01
CA GLU C 279 -1.83 -17.45 -13.07
C GLU C 279 -2.68 -16.21 -12.70
N LYS C 280 -3.11 -16.14 -11.44
CA LYS C 280 -3.81 -14.96 -10.93
C LYS C 280 -2.96 -13.69 -11.06
N LEU C 281 -1.66 -13.83 -10.75
CA LEU C 281 -0.71 -12.71 -10.87
C LEU C 281 -0.39 -12.35 -12.33
N ALA C 282 -0.38 -13.35 -13.21
CA ALA C 282 -0.17 -13.11 -14.64
C ALA C 282 -1.33 -12.30 -15.24
N ALA C 283 -2.54 -12.56 -14.77
CA ALA C 283 -3.74 -11.98 -15.37
C ALA C 283 -3.67 -10.45 -15.61
N PRO C 284 -3.56 -9.66 -14.53
CA PRO C 284 -3.56 -8.18 -14.69
C PRO C 284 -2.49 -7.64 -15.65
N LEU C 285 -1.38 -8.35 -15.75
CA LEU C 285 -0.26 -7.95 -16.60
C LEU C 285 -0.26 -8.63 -17.98
N ALA C 286 -1.35 -9.32 -18.32
CA ALA C 286 -1.49 -10.07 -19.59
C ALA C 286 -1.23 -9.23 -20.85
N LYS C 287 -1.56 -7.94 -20.77
CA LYS C 287 -1.42 -7.01 -21.90
C LYS C 287 0.04 -6.62 -22.20
N ASN C 288 0.98 -6.97 -21.34
CA ASN C 288 2.40 -6.66 -21.57
C ASN C 288 3.27 -7.91 -21.52
N GLY C 289 4.55 -7.74 -21.89
CA GLY C 289 5.51 -8.85 -21.98
C GLY C 289 5.81 -9.52 -20.65
N TYR C 290 5.63 -8.80 -19.55
CA TYR C 290 5.93 -9.32 -18.22
C TYR C 290 4.89 -10.38 -17.82
N GLY C 291 3.61 -10.03 -18.00
CA GLY C 291 2.52 -10.96 -17.75
C GLY C 291 2.53 -12.13 -18.70
N GLN C 292 2.85 -11.86 -19.98
CA GLN C 292 2.99 -12.91 -20.97
C GLN C 292 4.11 -13.86 -20.57
N TYR C 293 5.19 -13.31 -20.01
CA TYR C 293 6.27 -14.14 -19.49
C TYR C 293 5.82 -15.03 -18.33
N LEU C 294 5.08 -14.49 -17.36
CA LEU C 294 4.62 -15.31 -16.23
C LEU C 294 3.69 -16.46 -16.67
N LYS C 295 2.83 -16.19 -17.65
CA LYS C 295 1.92 -17.17 -18.23
C LYS C 295 2.75 -18.31 -18.83
N ARG C 296 3.75 -17.96 -19.64
CA ARG C 296 4.62 -18.95 -20.28
C ARG C 296 5.29 -19.91 -19.29
N LEU C 297 5.65 -19.39 -18.10
CA LEU C 297 6.27 -20.20 -17.03
C LEU C 297 5.38 -21.32 -16.49
N LEU C 298 4.07 -21.18 -16.65
CA LEU C 298 3.13 -22.21 -16.22
C LEU C 298 3.30 -23.53 -16.99
N THR C 299 3.65 -23.44 -18.27
CA THR C 299 3.72 -24.62 -19.13
C THR C 299 5.12 -24.90 -19.72
N GLU C 300 6.11 -24.06 -19.44
CA GLU C 300 7.45 -24.34 -19.93
C GLU C 300 8.31 -24.90 -18.83
N THR C 301 9.07 -25.94 -19.16
CA THR C 301 10.11 -26.40 -18.26
C THR C 301 11.39 -25.60 -18.53
N VAL C 302 11.89 -24.94 -17.50
CA VAL C 302 13.15 -24.22 -17.62
C VAL C 302 14.11 -24.85 -16.62
N TYR C 303 15.29 -25.25 -17.10
CA TYR C 303 16.28 -25.91 -16.25
C TYR C 303 17.20 -24.90 -15.59
N MET D 11 0.31 37.19 -31.21
CA MET D 11 -0.69 36.72 -30.20
C MET D 11 -0.04 35.77 -29.19
N LYS D 12 -0.79 35.43 -28.14
CA LYS D 12 -0.35 34.44 -27.18
C LYS D 12 -0.35 33.06 -27.85
N ARG D 13 0.73 32.30 -27.67
CA ARG D 13 0.64 30.85 -27.89
C ARG D 13 0.84 30.14 -26.56
N LYS D 14 -0.19 29.40 -26.15
CA LYS D 14 -0.07 28.57 -24.96
C LYS D 14 0.17 27.10 -25.28
N GLY D 15 0.79 26.42 -24.33
CA GLY D 15 1.28 25.08 -24.53
C GLY D 15 0.50 24.09 -23.71
N ILE D 16 0.38 22.89 -24.27
CA ILE D 16 -0.19 21.75 -23.57
C ILE D 16 0.78 20.60 -23.68
N ILE D 17 1.06 19.96 -22.57
CA ILE D 17 1.81 18.70 -22.57
C ILE D 17 0.87 17.59 -22.20
N LEU D 18 0.72 16.61 -23.09
CA LEU D 18 -0.13 15.47 -22.78
C LEU D 18 0.74 14.31 -22.27
N ALA D 19 0.63 14.08 -20.97
CA ALA D 19 1.34 12.99 -20.33
C ALA D 19 0.31 11.90 -20.10
N GLY D 20 -0.16 11.29 -21.19
CA GLY D 20 -1.18 10.28 -21.12
C GLY D 20 -0.75 9.00 -20.44
N GLY D 21 -1.73 8.24 -19.96
CA GLY D 21 -1.47 6.97 -19.27
C GLY D 21 -1.08 5.86 -20.22
N SER D 22 -0.03 5.11 -19.88
CA SER D 22 0.40 3.96 -20.67
C SER D 22 -0.19 2.67 -20.12
N GLY D 23 -1.19 2.80 -19.24
CA GLY D 23 -1.89 1.65 -18.68
C GLY D 23 -0.93 0.70 -18.00
N THR D 24 -0.92 -0.55 -18.46
CA THR D 24 -0.08 -1.60 -17.87
C THR D 24 1.15 -1.93 -18.73
N ARG D 25 1.31 -1.23 -19.85
CA ARG D 25 2.30 -1.62 -20.87
C ARG D 25 3.73 -1.66 -20.36
N LEU D 26 4.07 -0.78 -19.42
CA LEU D 26 5.43 -0.67 -18.88
C LEU D 26 5.54 -1.21 -17.45
N HIS D 27 4.48 -1.87 -16.98
CA HIS D 27 4.51 -2.53 -15.68
C HIS D 27 5.48 -3.67 -15.74
N PRO D 28 6.18 -3.96 -14.63
CA PRO D 28 6.04 -3.38 -13.28
C PRO D 28 6.86 -2.10 -13.03
N ALA D 29 7.62 -1.64 -14.02
CA ALA D 29 8.43 -0.43 -13.88
C ALA D 29 7.56 0.77 -13.51
N THR D 30 6.40 0.89 -14.15
CA THR D 30 5.46 1.99 -13.88
C THR D 30 4.37 1.69 -12.85
N LEU D 31 4.50 0.64 -12.04
CA LEU D 31 3.47 0.32 -11.06
C LEU D 31 3.24 1.45 -10.07
N ALA D 32 4.25 1.75 -9.25
CA ALA D 32 4.12 2.81 -8.24
C ALA D 32 4.42 4.23 -8.78
N ILE D 33 5.02 4.32 -9.97
CA ILE D 33 5.60 5.58 -10.44
C ILE D 33 5.22 5.97 -11.87
N SER D 34 5.01 7.25 -12.06
CA SER D 34 4.47 7.79 -13.29
C SER D 34 5.45 7.60 -14.45
N LYS D 35 4.94 7.15 -15.61
CA LYS D 35 5.74 6.89 -16.80
C LYS D 35 6.61 8.09 -17.19
N GLN D 36 5.99 9.26 -17.29
CA GLN D 36 6.69 10.47 -17.72
C GLN D 36 7.47 11.16 -16.60
N LEU D 37 7.54 10.52 -15.44
CA LEU D 37 8.46 10.93 -14.38
C LEU D 37 9.73 10.05 -14.32
N LEU D 38 9.74 8.94 -15.05
CA LEU D 38 10.95 8.14 -15.25
C LEU D 38 12.05 8.98 -15.91
N PRO D 39 13.29 8.85 -15.42
CA PRO D 39 14.37 9.64 -16.00
C PRO D 39 14.82 9.13 -17.35
N VAL D 40 15.15 10.08 -18.22
CA VAL D 40 15.90 9.81 -19.42
C VAL D 40 17.30 10.26 -19.09
N TYR D 41 18.17 9.28 -18.90
CA TYR D 41 19.49 9.50 -18.31
C TYR D 41 19.44 10.17 -16.92
N ASP D 42 19.48 11.50 -16.87
CA ASP D 42 19.73 12.21 -15.63
C ASP D 42 18.59 13.14 -15.21
N LYS D 43 17.50 13.19 -15.99
CA LYS D 43 16.40 14.08 -15.66
C LYS D 43 15.04 13.43 -15.98
N PRO D 44 13.98 13.82 -15.25
CA PRO D 44 12.66 13.29 -15.55
C PRO D 44 12.23 13.47 -17.03
N MET D 45 11.61 12.44 -17.60
CA MET D 45 11.11 12.45 -18.97
C MET D 45 10.37 13.74 -19.35
N ILE D 46 9.51 14.20 -18.44
CA ILE D 46 8.73 15.41 -18.64
C ILE D 46 9.56 16.67 -18.93
N TYR D 47 10.80 16.73 -18.46
CA TYR D 47 11.68 17.89 -18.70
C TYR D 47 11.96 18.13 -20.21
N TYR D 48 11.94 17.08 -21.00
CA TYR D 48 12.24 17.17 -22.43
C TYR D 48 11.11 17.86 -23.25
N PRO D 49 9.86 17.38 -23.16
CA PRO D 49 8.73 18.11 -23.76
C PRO D 49 8.52 19.54 -23.20
N LEU D 50 8.65 19.69 -21.88
CA LEU D 50 8.59 21.00 -21.25
C LEU D 50 9.63 21.90 -21.87
N SER D 51 10.87 21.41 -21.93
CA SER D 51 11.97 22.19 -22.56
C SER D 51 11.70 22.54 -24.00
N THR D 52 11.03 21.65 -24.71
CA THR D 52 10.67 21.89 -26.11
C THR D 52 9.67 23.03 -26.25
N LEU D 53 8.61 23.03 -25.44
CA LEU D 53 7.67 24.15 -25.45
C LEU D 53 8.38 25.45 -25.10
N MET D 54 9.30 25.35 -24.14
CA MET D 54 10.05 26.50 -23.66
C MET D 54 10.96 27.06 -24.75
N LEU D 55 11.53 26.17 -25.56
CA LEU D 55 12.35 26.58 -26.69
C LEU D 55 11.51 27.29 -27.74
N ALA D 56 10.26 26.87 -27.89
CA ALA D 56 9.31 27.54 -28.78
C ALA D 56 8.83 28.91 -28.25
N GLY D 57 9.38 29.37 -27.14
CA GLY D 57 8.95 30.66 -26.53
C GLY D 57 7.65 30.56 -25.74
N ILE D 58 7.27 29.35 -25.33
CA ILE D 58 5.99 29.19 -24.62
C ILE D 58 6.20 29.05 -23.12
N ARG D 59 5.54 29.94 -22.37
CA ARG D 59 5.67 30.03 -20.92
C ARG D 59 4.44 29.52 -20.15
N GLU D 60 3.28 29.59 -20.81
CA GLU D 60 1.99 29.24 -20.20
C GLU D 60 1.58 27.87 -20.68
N ILE D 61 1.63 26.90 -19.78
CA ILE D 61 1.59 25.49 -20.15
C ILE D 61 0.63 24.68 -19.28
N LEU D 62 -0.26 23.94 -19.94
CA LEU D 62 -1.19 23.02 -19.27
C LEU D 62 -0.60 21.60 -19.36
N ILE D 63 -0.38 20.97 -18.21
CA ILE D 63 0.08 19.58 -18.13
C ILE D 63 -1.15 18.68 -17.88
N ILE D 64 -1.50 17.88 -18.86
CA ILE D 64 -2.64 16.97 -18.77
C ILE D 64 -2.16 15.56 -18.51
N SER D 65 -2.62 14.92 -17.43
CA SER D 65 -2.30 13.51 -17.23
C SER D 65 -3.44 12.74 -16.52
N THR D 66 -3.14 11.55 -16.00
CA THR D 66 -4.18 10.70 -15.42
C THR D 66 -4.57 11.23 -14.04
N PRO D 67 -5.69 10.74 -13.49
CA PRO D 67 -6.00 11.11 -12.11
C PRO D 67 -4.88 10.76 -11.13
N GLN D 68 -4.25 9.61 -11.32
CA GLN D 68 -3.14 9.19 -10.46
C GLN D 68 -1.87 10.02 -10.67
N ASP D 69 -1.56 10.35 -11.91
CA ASP D 69 -0.28 10.98 -12.21
C ASP D 69 -0.27 12.51 -12.13
N THR D 70 -1.36 13.18 -12.47
CA THR D 70 -1.39 14.64 -12.47
C THR D 70 -0.90 15.25 -11.15
N PRO D 71 -1.38 14.75 -9.99
CA PRO D 71 -0.88 15.28 -8.70
C PRO D 71 0.62 15.09 -8.48
N ARG D 72 1.19 14.01 -9.03
CA ARG D 72 2.63 13.81 -8.96
C ARG D 72 3.41 14.83 -9.81
N PHE D 73 2.89 15.20 -10.97
CA PHE D 73 3.53 16.27 -11.76
C PHE D 73 3.46 17.61 -11.00
N GLN D 74 2.32 17.86 -10.36
CA GLN D 74 2.14 19.05 -9.52
C GLN D 74 3.11 19.11 -8.37
N GLN D 75 3.25 18.00 -7.64
CA GLN D 75 4.23 17.92 -6.54
C GLN D 75 5.63 18.30 -7.03
N LEU D 76 5.97 17.83 -8.22
CA LEU D 76 7.30 17.98 -8.79
C LEU D 76 7.57 19.41 -9.25
N LEU D 77 6.67 19.89 -10.09
CA LEU D 77 6.89 21.11 -10.88
C LEU D 77 6.20 22.36 -10.32
N GLY D 78 5.13 22.16 -9.56
CA GLY D 78 4.40 23.29 -8.98
C GLY D 78 3.78 24.16 -10.04
N ASP D 79 3.72 25.46 -9.77
CA ASP D 79 3.16 26.42 -10.72
C ASP D 79 4.17 26.92 -11.76
N GLY D 80 5.43 26.46 -11.65
CA GLY D 80 6.47 26.83 -12.64
C GLY D 80 7.14 28.17 -12.38
N SER D 81 6.64 28.89 -11.38
CA SER D 81 7.12 30.23 -11.09
C SER D 81 8.62 30.31 -10.84
N ASN D 82 9.18 29.27 -10.21
CA ASN D 82 10.64 29.18 -10.01
C ASN D 82 11.42 29.23 -11.33
N TRP D 83 10.81 28.77 -12.42
CA TRP D 83 11.49 28.84 -13.73
C TRP D 83 10.90 29.87 -14.63
N GLY D 84 10.14 30.82 -14.06
CA GLY D 84 9.53 31.89 -14.84
C GLY D 84 8.43 31.39 -15.77
N LEU D 85 7.77 30.31 -15.37
CA LEU D 85 6.68 29.73 -16.14
C LEU D 85 5.36 29.91 -15.41
N ASP D 86 4.27 29.66 -16.14
CA ASP D 86 2.91 29.65 -15.59
C ASP D 86 2.30 28.29 -15.92
N LEU D 87 2.47 27.35 -15.00
CA LEU D 87 2.00 25.98 -15.21
C LEU D 87 0.63 25.79 -14.56
N GLN D 88 -0.25 25.10 -15.29
CA GLN D 88 -1.56 24.67 -14.85
C GLN D 88 -1.70 23.16 -15.11
N TYR D 89 -2.69 22.54 -14.47
CA TYR D 89 -2.87 21.08 -14.50
C TYR D 89 -4.32 20.72 -14.74
N ALA D 90 -4.54 19.70 -15.56
CA ALA D 90 -5.86 19.13 -15.76
C ALA D 90 -5.73 17.60 -15.89
N VAL D 91 -6.85 16.91 -15.67
CA VAL D 91 -6.87 15.47 -15.66
C VAL D 91 -7.65 14.92 -16.87
N GLN D 92 -7.08 13.91 -17.51
CA GLN D 92 -7.78 13.09 -18.49
C GLN D 92 -8.22 11.80 -17.79
N PRO D 93 -9.52 11.69 -17.41
CA PRO D 93 -10.04 10.50 -16.73
C PRO D 93 -9.76 9.17 -17.44
N SER D 94 -9.77 9.19 -18.76
CA SER D 94 -9.70 7.97 -19.55
C SER D 94 -8.85 8.19 -20.80
N PRO D 95 -7.96 7.23 -21.13
CA PRO D 95 -7.13 7.41 -22.35
C PRO D 95 -7.94 7.26 -23.64
N ASP D 96 -8.79 8.26 -23.93
CA ASP D 96 -9.76 8.17 -25.02
C ASP D 96 -9.38 9.04 -26.23
N GLY D 97 -8.07 9.22 -26.45
CA GLY D 97 -7.57 9.96 -27.60
C GLY D 97 -6.73 11.16 -27.20
N LEU D 98 -5.73 11.46 -28.01
CA LEU D 98 -4.87 12.61 -27.78
C LEU D 98 -5.61 13.93 -28.10
N ALA D 99 -6.61 13.88 -28.98
CA ALA D 99 -7.38 15.06 -29.39
C ALA D 99 -8.28 15.55 -28.27
N GLN D 100 -8.53 14.67 -27.32
CA GLN D 100 -9.26 15.04 -26.11
C GLN D 100 -8.52 16.13 -25.32
N ALA D 101 -7.25 16.37 -25.64
CA ALA D 101 -6.48 17.41 -24.98
C ALA D 101 -7.13 18.78 -25.18
N PHE D 102 -7.76 19.00 -26.33
CA PHE D 102 -8.35 20.30 -26.65
C PHE D 102 -9.72 20.49 -26.02
N LEU D 103 -10.40 19.39 -25.72
CA LEU D 103 -11.67 19.45 -25.00
C LEU D 103 -11.39 19.71 -23.53
N ILE D 104 -10.51 18.91 -22.94
CA ILE D 104 -10.05 19.12 -21.56
C ILE D 104 -9.42 20.52 -21.41
N GLY D 105 -8.66 20.93 -22.43
CA GLY D 105 -7.96 22.23 -22.40
C GLY D 105 -8.71 23.41 -23.00
N GLU D 106 -9.98 23.25 -23.32
CA GLU D 106 -10.71 24.35 -23.94
C GLU D 106 -10.66 25.70 -23.16
N SER D 107 -10.97 25.68 -21.87
CA SER D 107 -10.97 26.93 -21.08
C SER D 107 -9.55 27.49 -20.90
N PHE D 108 -8.57 26.61 -20.80
CA PHE D 108 -7.16 27.03 -20.74
C PHE D 108 -6.78 27.80 -22.01
N ILE D 109 -7.08 27.20 -23.17
CA ILE D 109 -6.77 27.80 -24.48
C ILE D 109 -7.46 29.15 -24.73
N GLY D 110 -8.70 29.29 -24.24
CA GLY D 110 -9.48 30.48 -24.51
C GLY D 110 -9.52 30.82 -25.99
N ASN D 111 -9.18 32.05 -26.34
CA ASN D 111 -9.19 32.49 -27.74
C ASN D 111 -7.77 32.63 -28.31
N ASP D 112 -6.82 31.92 -27.70
CA ASP D 112 -5.43 32.02 -28.11
C ASP D 112 -5.00 30.89 -29.02
N LEU D 113 -3.84 31.09 -29.65
CA LEU D 113 -3.19 30.05 -30.42
C LEU D 113 -2.64 29.03 -29.44
N SER D 114 -2.34 27.82 -29.91
CA SER D 114 -1.79 26.81 -29.03
C SER D 114 -0.70 25.94 -29.68
N ALA D 115 -0.07 25.13 -28.84
CA ALA D 115 0.89 24.11 -29.22
C ALA D 115 0.63 22.88 -28.33
N LEU D 116 0.62 21.69 -28.92
CA LEU D 116 0.53 20.45 -28.14
C LEU D 116 1.80 19.63 -28.36
N VAL D 117 2.35 19.09 -27.28
CA VAL D 117 3.46 18.14 -27.33
C VAL D 117 3.15 16.88 -26.49
N LEU D 118 3.56 15.73 -26.99
CA LEU D 118 3.41 14.47 -26.26
C LEU D 118 4.47 14.34 -25.17
N GLY D 119 4.08 13.78 -24.03
CA GLY D 119 4.94 13.72 -22.84
C GLY D 119 6.18 12.85 -22.96
N ASP D 120 6.17 11.89 -23.89
CA ASP D 120 7.26 10.93 -24.01
C ASP D 120 8.09 11.09 -25.31
N ASN D 121 7.99 12.25 -25.93
CA ASN D 121 8.79 12.56 -27.11
C ASN D 121 9.99 13.45 -26.79
N LEU D 122 11.19 13.05 -27.23
CA LEU D 122 12.36 13.90 -27.12
C LEU D 122 12.95 14.29 -28.48
N TYR D 123 13.40 15.53 -28.58
CA TYR D 123 13.94 16.08 -29.81
C TYR D 123 15.32 16.62 -29.54
N TYR D 124 16.15 16.63 -30.58
CA TYR D 124 17.48 17.23 -30.46
C TYR D 124 17.96 17.67 -31.83
N GLY D 125 18.48 18.89 -31.91
CA GLY D 125 19.23 19.28 -33.09
C GLY D 125 19.60 20.72 -33.24
N HIS D 126 20.38 20.98 -34.28
CA HIS D 126 20.89 22.31 -34.55
C HIS D 126 19.81 23.17 -35.13
N ASP D 127 19.72 24.40 -34.62
CA ASP D 127 18.69 25.37 -35.00
C ASP D 127 17.27 24.88 -34.71
N PHE D 128 17.13 23.98 -33.73
CA PHE D 128 15.80 23.54 -33.31
C PHE D 128 14.98 24.77 -32.89
N HIS D 129 15.63 25.72 -32.25
CA HIS D 129 15.02 27.01 -31.87
C HIS D 129 14.33 27.68 -33.02
N GLU D 130 15.00 27.72 -34.17
CA GLU D 130 14.49 28.42 -35.36
C GLU D 130 13.36 27.64 -36.04
N LEU D 131 13.48 26.31 -36.06
CA LEU D 131 12.44 25.46 -36.59
C LEU D 131 11.12 25.59 -35.80
N LEU D 132 11.21 25.72 -34.48
CA LEU D 132 10.02 25.93 -33.65
C LEU D 132 9.50 27.37 -33.85
N GLY D 133 10.40 28.34 -33.81
CA GLY D 133 10.07 29.76 -33.98
C GLY D 133 9.33 30.07 -35.27
N SER D 134 9.74 29.44 -36.37
CA SER D 134 9.06 29.59 -37.65
C SER D 134 7.64 29.03 -37.63
N ALA D 135 7.46 27.83 -37.07
CA ALA D 135 6.12 27.26 -36.89
C ALA D 135 5.25 28.12 -35.96
N SER D 136 5.85 28.61 -34.87
CA SER D 136 5.13 29.42 -33.88
C SER D 136 4.60 30.72 -34.51
N GLN D 137 5.44 31.35 -35.33
CA GLN D 137 5.13 32.61 -36.01
C GLN D 137 3.94 32.52 -36.98
N ARG D 138 3.69 31.33 -37.52
CA ARG D 138 2.59 31.11 -38.47
C ARG D 138 1.31 31.07 -37.65
N GLN D 139 0.52 32.14 -37.74
CA GLN D 139 -0.61 32.35 -36.83
C GLN D 139 -1.95 31.92 -37.40
N THR D 140 -1.94 31.42 -38.63
CA THR D 140 -3.13 30.84 -39.25
C THR D 140 -2.88 29.37 -39.52
N GLY D 141 -3.93 28.57 -39.35
CA GLY D 141 -3.90 27.16 -39.68
C GLY D 141 -3.16 26.37 -38.63
N ALA D 142 -2.59 25.25 -39.07
CA ALA D 142 -1.85 24.35 -38.20
C ALA D 142 -0.50 24.03 -38.82
N SER D 143 0.48 23.76 -37.96
CA SER D 143 1.83 23.40 -38.36
C SER D 143 2.26 22.13 -37.63
N VAL D 144 2.76 21.17 -38.41
CA VAL D 144 3.24 19.91 -37.89
C VAL D 144 4.56 19.60 -38.62
N PHE D 145 5.27 18.58 -38.14
CA PHE D 145 6.56 18.21 -38.71
C PHE D 145 6.54 16.76 -39.15
N ALA D 146 7.20 16.50 -40.28
CA ALA D 146 7.30 15.17 -40.83
C ALA D 146 8.74 14.70 -40.68
N TYR D 147 8.92 13.45 -40.27
CA TYR D 147 10.24 12.88 -39.98
C TYR D 147 10.34 11.51 -40.61
N HIS D 148 11.41 11.29 -41.34
CA HIS D 148 11.62 10.00 -41.96
C HIS D 148 11.92 8.98 -40.87
N VAL D 149 11.17 7.88 -40.88
CA VAL D 149 11.37 6.81 -39.90
C VAL D 149 11.42 5.45 -40.58
N LEU D 150 11.90 4.44 -39.86
CA LEU D 150 11.96 3.06 -40.36
C LEU D 150 10.61 2.31 -40.28
N ASP D 151 9.78 2.65 -39.31
CA ASP D 151 8.54 1.90 -38.99
C ASP D 151 7.28 2.78 -39.05
N PRO D 152 7.00 3.38 -40.21
CA PRO D 152 5.93 4.39 -40.30
C PRO D 152 4.55 3.91 -39.85
N GLU D 153 4.30 2.60 -39.96
CA GLU D 153 3.03 2.00 -39.47
C GLU D 153 2.72 2.22 -37.97
N ARG D 154 3.71 2.70 -37.22
CA ARG D 154 3.53 3.07 -35.80
C ARG D 154 2.81 4.40 -35.61
N TYR D 155 2.84 5.27 -36.63
CA TYR D 155 2.51 6.68 -36.45
C TYR D 155 1.48 7.22 -37.42
N GLY D 156 1.15 8.50 -37.25
CA GLY D 156 0.46 9.28 -38.26
C GLY D 156 1.41 9.44 -39.44
N VAL D 157 0.99 8.97 -40.61
CA VAL D 157 1.84 8.95 -41.80
C VAL D 157 1.36 9.99 -42.78
N VAL D 158 2.28 10.82 -43.28
CA VAL D 158 1.94 11.87 -44.22
C VAL D 158 2.46 11.48 -45.61
N GLU D 159 1.56 11.50 -46.59
CA GLU D 159 1.89 11.27 -48.01
C GLU D 159 2.08 12.61 -48.70
N PHE D 160 3.14 12.71 -49.51
CA PHE D 160 3.45 13.92 -50.31
C PHE D 160 3.31 13.60 -51.77
N ASP D 161 2.90 14.57 -52.58
CA ASP D 161 2.86 14.39 -54.04
C ASP D 161 4.24 14.66 -54.65
N GLN D 162 4.30 14.68 -55.97
CA GLN D 162 5.56 14.86 -56.71
C GLN D 162 6.28 16.17 -56.41
N GLY D 163 5.50 17.21 -56.12
CA GLY D 163 6.06 18.54 -55.83
C GLY D 163 6.30 18.82 -54.36
N GLY D 164 6.17 17.81 -53.49
CA GLY D 164 6.39 17.98 -52.05
C GLY D 164 5.23 18.50 -51.21
N LYS D 165 4.03 18.57 -51.80
CA LYS D 165 2.82 19.01 -51.08
C LYS D 165 2.17 17.84 -50.31
N ALA D 166 1.84 18.06 -49.04
CA ALA D 166 1.08 17.09 -48.24
C ALA D 166 -0.29 16.83 -48.88
N ILE D 167 -0.60 15.57 -49.15
CA ILE D 167 -1.86 15.20 -49.82
C ILE D 167 -2.74 14.19 -49.06
N SER D 168 -2.21 13.48 -48.06
CA SER D 168 -3.02 12.60 -47.20
C SER D 168 -2.36 12.24 -45.86
N LEU D 169 -3.19 12.03 -44.84
CA LEU D 169 -2.74 11.61 -43.50
C LEU D 169 -3.46 10.34 -43.05
N GLU D 170 -2.71 9.39 -42.49
CA GLU D 170 -3.28 8.14 -42.05
C GLU D 170 -2.70 7.71 -40.70
N GLU D 171 -3.58 7.38 -39.78
CA GLU D 171 -3.15 6.95 -38.46
C GLU D 171 -2.84 5.45 -38.48
N LYS D 172 -1.58 5.11 -38.25
CA LYS D 172 -1.13 3.71 -38.18
C LYS D 172 -1.65 2.86 -39.34
N PRO D 173 -1.30 3.21 -40.57
CA PRO D 173 -1.78 2.40 -41.69
C PRO D 173 -1.07 1.06 -41.73
N LEU D 174 -1.81 -0.01 -42.04
CA LEU D 174 -1.18 -1.30 -42.27
C LEU D 174 -0.32 -1.27 -43.54
N GLU D 175 -0.69 -0.41 -44.49
CA GLU D 175 0.08 -0.19 -45.73
C GLU D 175 0.51 1.29 -45.91
N PRO D 176 1.52 1.73 -45.15
CA PRO D 176 1.92 3.15 -45.19
C PRO D 176 2.25 3.66 -46.61
N LYS D 177 1.83 4.89 -46.91
CA LYS D 177 2.03 5.48 -48.24
C LYS D 177 3.39 6.21 -48.35
N SER D 178 4.08 6.36 -47.23
CA SER D 178 5.40 6.98 -47.21
C SER D 178 6.11 6.53 -45.94
N ASN D 179 7.36 6.95 -45.80
CA ASN D 179 8.13 6.71 -44.61
C ASN D 179 8.20 7.94 -43.69
N TYR D 180 7.34 8.92 -43.96
CA TYR D 180 7.30 10.13 -43.14
C TYR D 180 6.22 10.11 -42.07
N ALA D 181 6.66 10.20 -40.82
CA ALA D 181 5.80 10.22 -39.65
C ALA D 181 5.59 11.64 -39.20
N VAL D 182 4.40 11.94 -38.69
CA VAL D 182 4.10 13.21 -38.08
C VAL D 182 4.59 13.11 -36.62
N THR D 183 5.48 14.01 -36.22
CA THR D 183 6.11 13.94 -34.90
C THR D 183 5.08 14.44 -33.86
N GLY D 184 5.38 14.25 -32.58
CA GLY D 184 4.43 14.54 -31.49
C GLY D 184 4.53 16.00 -31.03
N LEU D 185 4.54 16.90 -32.01
CA LEU D 185 4.65 18.33 -31.77
C LEU D 185 3.74 19.01 -32.77
N TYR D 186 2.75 19.77 -32.27
CA TYR D 186 1.71 20.35 -33.11
C TYR D 186 1.38 21.78 -32.74
N PHE D 187 1.24 22.65 -33.75
CA PHE D 187 0.89 24.05 -33.56
C PHE D 187 -0.45 24.37 -34.20
N TYR D 188 -1.34 25.04 -33.46
CA TYR D 188 -2.69 25.30 -33.93
C TYR D 188 -3.13 26.74 -33.73
N ASP D 189 -3.99 27.20 -34.64
CA ASP D 189 -4.67 28.50 -34.45
C ASP D 189 -5.93 28.33 -33.57
N GLN D 190 -6.81 29.33 -33.59
CA GLN D 190 -8.01 29.34 -32.74
C GLN D 190 -9.14 28.44 -33.24
N GLN D 191 -8.94 27.73 -34.36
CA GLN D 191 -9.96 26.80 -34.84
C GLN D 191 -9.98 25.44 -34.15
N VAL D 192 -8.89 25.08 -33.46
CA VAL D 192 -8.69 23.69 -33.09
C VAL D 192 -9.74 23.17 -32.12
N VAL D 193 -10.20 24.00 -31.19
CA VAL D 193 -11.21 23.52 -30.21
C VAL D 193 -12.54 23.14 -30.89
N ASP D 194 -13.04 24.01 -31.77
CA ASP D 194 -14.27 23.71 -32.52
C ASP D 194 -14.15 22.53 -33.46
N ILE D 195 -12.95 22.31 -34.04
CA ILE D 195 -12.69 21.12 -34.84
C ILE D 195 -12.72 19.88 -33.95
N ALA D 196 -12.05 19.95 -32.81
CA ALA D 196 -12.03 18.82 -31.88
C ALA D 196 -13.47 18.50 -31.44
N ARG D 197 -14.26 19.53 -31.09
CA ARG D 197 -15.65 19.30 -30.67
C ARG D 197 -16.50 18.55 -31.71
N ASP D 198 -16.24 18.77 -32.99
CA ASP D 198 -16.99 18.09 -34.06
C ASP D 198 -16.34 16.80 -34.55
N LEU D 199 -15.33 16.32 -33.81
CA LEU D 199 -14.73 15.02 -34.09
C LEU D 199 -15.66 13.92 -33.55
N LYS D 200 -15.73 12.81 -34.29
CA LYS D 200 -16.41 11.61 -33.81
C LYS D 200 -15.33 10.60 -33.39
N PRO D 201 -15.62 9.74 -32.40
CA PRO D 201 -14.69 8.63 -32.09
C PRO D 201 -14.36 7.76 -33.31
N SER D 202 -13.10 7.36 -33.43
CA SER D 202 -12.62 6.59 -34.58
C SER D 202 -13.13 5.14 -34.54
N PRO D 203 -12.93 4.38 -35.62
CA PRO D 203 -13.20 2.93 -35.58
C PRO D 203 -12.55 2.16 -34.43
N ARG D 204 -11.63 2.79 -33.69
CA ARG D 204 -11.09 2.21 -32.44
C ARG D 204 -11.74 2.71 -31.15
N GLY D 205 -12.29 3.91 -31.17
CA GLY D 205 -12.88 4.53 -29.97
C GLY D 205 -11.99 5.60 -29.38
N GLU D 206 -11.40 6.40 -30.26
CA GLU D 206 -10.53 7.50 -29.85
C GLU D 206 -10.80 8.77 -30.65
N LEU D 207 -10.62 9.91 -29.98
CA LEU D 207 -10.58 11.20 -30.66
C LEU D 207 -9.14 11.37 -31.17
N GLU D 208 -8.98 11.29 -32.50
CA GLU D 208 -7.68 11.18 -33.15
C GLU D 208 -7.06 12.54 -33.46
N ILE D 209 -5.82 12.79 -33.03
CA ILE D 209 -5.11 14.02 -33.41
C ILE D 209 -4.88 14.07 -34.93
N THR D 210 -4.69 12.91 -35.55
CA THR D 210 -4.60 12.83 -37.01
C THR D 210 -5.86 13.34 -37.70
N ASP D 211 -7.05 13.10 -37.11
CA ASP D 211 -8.30 13.65 -37.65
C ASP D 211 -8.32 15.17 -37.56
N VAL D 212 -7.77 15.71 -36.47
CA VAL D 212 -7.66 17.16 -36.34
C VAL D 212 -6.76 17.66 -37.48
N ASN D 213 -5.65 16.97 -37.70
CA ASN D 213 -4.70 17.39 -38.74
C ASN D 213 -5.28 17.25 -40.14
N ARG D 214 -6.05 16.18 -40.37
CA ARG D 214 -6.77 16.02 -41.64
C ARG D 214 -7.83 17.10 -41.85
N ALA D 215 -8.48 17.55 -40.78
CA ALA D 215 -9.42 18.67 -40.88
C ALA D 215 -8.74 19.93 -41.38
N TYR D 216 -7.57 20.26 -40.83
CA TYR D 216 -6.80 21.42 -41.32
C TYR D 216 -6.33 21.20 -42.77
N LEU D 217 -5.87 19.98 -43.08
CA LEU D 217 -5.38 19.65 -44.43
C LEU D 217 -6.48 19.77 -45.49
N GLU D 218 -7.67 19.27 -45.17
CA GLU D 218 -8.83 19.35 -46.07
C GLU D 218 -9.23 20.80 -46.37
N ARG D 219 -8.93 21.72 -45.45
CA ARG D 219 -9.18 23.16 -45.68
C ARG D 219 -7.97 23.88 -46.26
N GLY D 220 -6.94 23.14 -46.67
CA GLY D 220 -5.70 23.75 -47.18
C GLY D 220 -4.92 24.58 -46.17
N GLN D 221 -5.06 24.25 -44.88
CA GLN D 221 -4.44 25.09 -43.84
C GLN D 221 -3.45 24.33 -42.92
N LEU D 222 -2.98 23.17 -43.38
CA LEU D 222 -1.97 22.39 -42.65
C LEU D 222 -0.61 22.66 -43.29
N SER D 223 0.33 23.17 -42.51
CA SER D 223 1.71 23.26 -42.98
C SER D 223 2.44 21.99 -42.50
N VAL D 224 3.09 21.30 -43.42
CA VAL D 224 3.91 20.15 -43.08
C VAL D 224 5.35 20.49 -43.43
N GLU D 225 6.13 20.83 -42.41
CA GLU D 225 7.54 21.13 -42.60
C GLU D 225 8.34 19.86 -42.30
N ILE D 226 9.43 19.66 -43.06
CA ILE D 226 10.30 18.51 -42.87
C ILE D 226 11.23 18.77 -41.69
N MET D 227 11.27 17.83 -40.76
CA MET D 227 12.29 17.85 -39.72
C MET D 227 13.37 16.93 -40.26
N GLY D 228 14.52 17.52 -40.57
CA GLY D 228 15.56 16.80 -41.31
C GLY D 228 16.23 15.66 -40.58
N ARG D 229 16.93 14.84 -41.35
CA ARG D 229 17.69 13.69 -40.81
C ARG D 229 18.78 14.08 -39.82
N GLY D 230 19.22 15.33 -39.86
CA GLY D 230 20.16 15.85 -38.87
C GLY D 230 19.56 16.10 -37.50
N TYR D 231 18.24 16.01 -37.39
CA TYR D 231 17.57 16.08 -36.10
C TYR D 231 17.33 14.67 -35.61
N ALA D 232 17.45 14.50 -34.29
CA ALA D 232 17.06 13.29 -33.61
C ALA D 232 15.68 13.51 -32.97
N TRP D 233 14.71 12.71 -33.39
CA TRP D 233 13.42 12.60 -32.71
C TRP D 233 13.36 11.17 -32.20
N LEU D 234 13.34 11.02 -30.88
CA LEU D 234 13.24 9.71 -30.25
C LEU D 234 11.95 9.68 -29.42
N ASP D 235 11.30 8.52 -29.33
CA ASP D 235 10.20 8.39 -28.39
C ASP D 235 10.58 7.30 -27.38
N THR D 236 10.07 7.45 -26.17
CA THR D 236 10.56 6.74 -25.01
C THR D 236 9.43 5.94 -24.38
N GLY D 237 8.58 5.34 -25.21
CA GLY D 237 7.37 4.67 -24.75
C GLY D 237 7.54 3.21 -24.39
N THR D 238 8.71 2.62 -24.72
CA THR D 238 9.02 1.22 -24.32
C THR D 238 10.31 1.15 -23.50
N HIS D 239 10.53 0.01 -22.85
CA HIS D 239 11.73 -0.18 -22.04
C HIS D 239 12.98 -0.02 -22.85
N ASP D 240 12.98 -0.59 -24.05
CA ASP D 240 14.13 -0.50 -24.99
C ASP D 240 14.36 0.91 -25.52
N SER D 241 13.30 1.62 -25.89
CA SER D 241 13.46 2.95 -26.50
C SER D 241 13.91 3.94 -25.43
N LEU D 242 13.46 3.74 -24.20
CA LEU D 242 13.87 4.57 -23.08
C LEU D 242 15.36 4.39 -22.81
N LEU D 243 15.82 3.15 -22.87
CA LEU D 243 17.23 2.86 -22.64
C LEU D 243 18.11 3.48 -23.72
N GLU D 244 17.66 3.35 -24.96
CA GLU D 244 18.32 3.98 -26.11
C GLU D 244 18.36 5.50 -25.98
N ALA D 245 17.25 6.10 -25.53
CA ALA D 245 17.20 7.55 -25.36
C ALA D 245 18.18 8.02 -24.27
N GLY D 246 18.26 7.28 -23.17
CA GLY D 246 19.25 7.54 -22.09
C GLY D 246 20.71 7.51 -22.53
N GLN D 247 21.08 6.48 -23.28
CA GLN D 247 22.42 6.33 -23.82
CA GLN D 247 22.44 6.35 -23.80
C GLN D 247 22.77 7.47 -24.78
N PHE D 248 21.79 7.86 -25.61
CA PHE D 248 21.94 8.94 -26.59
C PHE D 248 22.20 10.28 -25.91
N ILE D 249 21.40 10.61 -24.87
CA ILE D 249 21.58 11.85 -24.13
C ILE D 249 22.89 11.84 -23.33
N ALA D 250 23.19 10.73 -22.68
CA ALA D 250 24.42 10.61 -21.89
C ALA D 250 25.64 10.88 -22.78
N THR D 251 25.66 10.26 -23.96
CA THR D 251 26.77 10.40 -24.91
C THR D 251 26.98 11.87 -25.34
N LEU D 252 25.89 12.58 -25.66
CA LEU D 252 25.97 14.00 -26.01
C LEU D 252 26.45 14.85 -24.83
N GLU D 253 25.89 14.66 -23.64
CA GLU D 253 26.21 15.54 -22.49
C GLU D 253 27.63 15.29 -21.96
N ASN D 254 28.04 14.04 -21.91
CA ASN D 254 29.40 13.67 -21.49
C ASN D 254 30.48 14.08 -22.50
N ARG D 255 30.12 14.21 -23.76
CA ARG D 255 31.07 14.75 -24.73
C ARG D 255 31.19 16.27 -24.56
N GLN D 256 30.05 16.93 -24.51
CA GLN D 256 29.97 18.38 -24.61
C GLN D 256 30.14 19.14 -23.31
N GLY D 257 29.84 18.52 -22.17
CA GLY D 257 29.70 19.24 -20.92
C GLY D 257 28.60 20.26 -20.98
N LEU D 258 27.58 20.03 -21.83
CA LEU D 258 26.38 20.85 -21.95
C LEU D 258 25.18 19.91 -21.87
N LYS D 259 24.07 20.39 -21.32
CA LYS D 259 22.94 19.52 -21.09
C LYS D 259 21.86 19.70 -22.16
N VAL D 260 21.14 18.62 -22.45
CA VAL D 260 19.97 18.65 -23.31
C VAL D 260 18.74 18.79 -22.41
N ALA D 261 17.89 19.77 -22.73
CA ALA D 261 16.60 19.97 -22.03
C ALA D 261 16.73 20.17 -20.50
N CYS D 262 17.62 21.10 -20.13
CA CYS D 262 17.70 21.60 -18.77
C CYS D 262 16.81 22.86 -18.69
N PRO D 263 15.61 22.73 -18.07
CA PRO D 263 14.66 23.84 -18.06
C PRO D 263 15.21 25.12 -17.43
N GLU D 264 15.98 24.96 -16.37
CA GLU D 264 16.60 26.08 -15.69
C GLU D 264 17.47 26.88 -16.67
N GLU D 265 18.26 26.18 -17.48
CA GLU D 265 19.06 26.81 -18.52
C GLU D 265 18.23 27.49 -19.60
N ILE D 266 17.20 26.84 -20.12
CA ILE D 266 16.41 27.42 -21.20
C ILE D 266 15.66 28.67 -20.73
N ALA D 267 15.12 28.62 -19.51
CA ALA D 267 14.49 29.77 -18.87
C ALA D 267 15.46 30.96 -18.76
N TYR D 268 16.65 30.69 -18.25
CA TYR D 268 17.71 31.70 -18.10
C TYR D 268 18.07 32.32 -19.44
N ARG D 269 18.28 31.47 -20.43
CA ARG D 269 18.65 31.92 -21.77
C ARG D 269 17.52 32.66 -22.46
N GLN D 270 16.27 32.33 -22.14
CA GLN D 270 15.12 33.06 -22.65
C GLN D 270 14.85 34.36 -21.84
N LYS D 271 15.58 34.57 -20.75
CA LYS D 271 15.46 35.75 -19.88
C LYS D 271 14.14 35.72 -19.09
N TRP D 272 13.70 34.53 -18.72
CA TRP D 272 12.52 34.33 -17.88
C TRP D 272 12.91 34.30 -16.42
N ILE D 273 14.17 33.98 -16.16
CA ILE D 273 14.74 34.07 -14.82
C ILE D 273 16.08 34.77 -14.94
N ASP D 274 16.51 35.47 -13.89
CA ASP D 274 17.77 36.20 -13.96
C ASP D 274 18.89 35.40 -13.29
N ALA D 275 20.08 35.98 -13.24
CA ALA D 275 21.24 35.27 -12.67
C ALA D 275 21.06 34.95 -11.18
N ALA D 276 20.42 35.86 -10.45
CA ALA D 276 20.19 35.68 -9.02
C ALA D 276 19.24 34.51 -8.71
N GLN D 277 18.23 34.34 -9.55
CA GLN D 277 17.29 33.22 -9.42
C GLN D 277 17.95 31.91 -9.87
N LEU D 278 18.74 31.95 -10.94
CA LEU D 278 19.50 30.77 -11.35
C LEU D 278 20.47 30.34 -10.26
N GLU D 279 21.04 31.29 -9.54
CA GLU D 279 21.94 30.95 -8.44
C GLU D 279 21.16 30.29 -7.29
N LYS D 280 19.96 30.81 -7.02
CA LYS D 280 19.05 30.23 -6.04
C LYS D 280 18.63 28.80 -6.38
N LEU D 281 18.34 28.57 -7.65
CA LEU D 281 17.96 27.24 -8.12
C LEU D 281 19.15 26.27 -8.02
N ALA D 282 20.35 26.79 -8.23
CA ALA D 282 21.58 25.99 -8.17
C ALA D 282 21.90 25.49 -6.76
N ALA D 283 21.70 26.34 -5.76
CA ALA D 283 22.04 26.03 -4.36
C ALA D 283 21.64 24.63 -3.84
N PRO D 284 20.34 24.30 -3.84
CA PRO D 284 19.97 22.98 -3.30
C PRO D 284 20.61 21.78 -4.01
N LEU D 285 20.94 21.94 -5.30
CA LEU D 285 21.53 20.87 -6.09
C LEU D 285 23.06 20.97 -6.17
N ALA D 286 23.66 21.81 -5.34
CA ALA D 286 25.06 22.16 -5.50
C ALA D 286 26.03 20.99 -5.32
N LYS D 287 25.58 19.95 -4.62
CA LYS D 287 26.43 18.80 -4.28
C LYS D 287 26.44 17.69 -5.35
N ASN D 288 25.73 17.93 -6.46
CA ASN D 288 25.73 17.03 -7.61
C ASN D 288 26.07 17.78 -8.91
N GLY D 289 26.27 17.04 -9.98
CA GLY D 289 26.73 17.61 -11.25
C GLY D 289 25.76 18.59 -11.88
N TYR D 290 24.49 18.49 -11.53
CA TYR D 290 23.43 19.29 -12.14
C TYR D 290 23.45 20.72 -11.58
N GLY D 291 23.43 20.86 -10.27
CA GLY D 291 23.59 22.16 -9.65
C GLY D 291 24.95 22.78 -9.97
N GLN D 292 25.97 21.93 -10.04
CA GLN D 292 27.31 22.38 -10.43
C GLN D 292 27.28 22.96 -11.86
N TYR D 293 26.47 22.37 -12.72
CA TYR D 293 26.30 22.87 -14.08
C TYR D 293 25.51 24.18 -14.12
N LEU D 294 24.40 24.26 -13.38
CA LEU D 294 23.69 25.54 -13.26
C LEU D 294 24.60 26.69 -12.80
N LYS D 295 25.45 26.43 -11.80
CA LYS D 295 26.35 27.47 -11.29
C LYS D 295 27.33 27.91 -12.39
N ARG D 296 27.94 26.94 -13.08
CA ARG D 296 28.88 27.23 -14.17
C ARG D 296 28.25 28.15 -15.21
N LEU D 297 26.99 27.89 -15.53
CA LEU D 297 26.23 28.70 -16.48
C LEU D 297 26.20 30.20 -16.15
N LEU D 298 26.39 30.56 -14.88
CA LEU D 298 26.38 31.96 -14.47
C LEU D 298 27.60 32.76 -14.97
N THR D 299 28.72 32.08 -15.20
CA THR D 299 29.96 32.77 -15.60
C THR D 299 30.66 32.22 -16.84
N GLU D 300 30.02 31.30 -17.56
CA GLU D 300 30.57 30.83 -18.82
C GLU D 300 29.77 31.37 -19.97
N THR D 301 30.44 31.83 -21.02
CA THR D 301 29.78 32.14 -22.29
C THR D 301 29.68 30.87 -23.15
N VAL D 302 28.44 30.46 -23.44
CA VAL D 302 28.18 29.32 -24.33
C VAL D 302 27.49 29.82 -25.56
N TYR D 303 28.11 29.57 -26.72
CA TYR D 303 27.55 30.01 -28.00
C TYR D 303 26.52 29.00 -28.50
#